data_5DY9
#
_entry.id   5DY9
#
_cell.length_a   60.636
_cell.length_b   67.635
_cell.length_c   91.165
_cell.angle_alpha   90.00
_cell.angle_beta   90.95
_cell.angle_gamma   90.00
#
_symmetry.space_group_name_H-M   'P 1 21 1'
#
loop_
_entity.id
_entity.type
_entity.pdbx_description
1 polymer 'Hfq-like protein'
2 non-polymer 'ADENOSINE MONOPHOSPHATE'
3 non-polymer GLYCEROL
4 non-polymer 'SULFATE ION'
5 non-polymer 2-AMINO-2-HYDROXYMETHYL-PROPANE-1,3-DIOL
6 non-polymer 'CHLORIDE ION'
7 non-polymer 'SODIUM ION'
8 non-polymer DI(HYDROXYETHYL)ETHER
9 water water
#
_entity_poly.entity_id   1
_entity_poly.type   'polypeptide(L)'
_entity_poly.pdbx_seq_one_letter_code
;MNKPVKKQQPKKVIPNFEYARRLNGKKVKIFLRNGEVLDAEVTGVSNYEIMVKVGDRNLLVFKHAIDTIEY
;
_entity_poly.pdbx_strand_id   A,B,C,D,E,F,G,H,I,J,K,L
#
# COMPACT_ATOMS: atom_id res chain seq x y z
N ASN A 16 -6.58 -5.98 16.98
CA ASN A 16 -7.32 -6.19 15.75
C ASN A 16 -8.81 -5.84 15.93
N PHE A 17 -9.15 -4.57 15.71
CA PHE A 17 -10.52 -4.10 15.89
C PHE A 17 -11.51 -4.93 15.07
N GLU A 18 -12.65 -5.25 15.68
CA GLU A 18 -13.71 -5.87 14.91
C GLU A 18 -15.09 -5.35 15.32
N TYR A 19 -15.91 -5.11 14.31
CA TYR A 19 -17.26 -4.63 14.53
C TYR A 19 -18.14 -5.71 15.13
N ALA A 20 -17.83 -6.97 14.84
CA ALA A 20 -18.67 -8.08 15.30
C ALA A 20 -18.80 -8.08 16.81
N ARG A 21 -17.75 -7.63 17.49
CA ARG A 21 -17.79 -7.59 18.95
C ARG A 21 -18.85 -6.62 19.47
N ARG A 22 -19.17 -5.60 18.68
CA ARG A 22 -20.20 -4.61 19.04
C ARG A 22 -21.60 -5.23 19.11
N LEU A 23 -21.75 -6.42 18.55
CA LEU A 23 -23.06 -7.06 18.46
C LEU A 23 -23.46 -7.88 19.67
N ASN A 24 -22.55 -8.02 20.64
CA ASN A 24 -22.84 -8.90 21.77
C ASN A 24 -24.07 -8.41 22.53
N GLY A 25 -25.01 -9.33 22.77
CA GLY A 25 -26.22 -9.02 23.50
C GLY A 25 -27.38 -8.59 22.60
N LYS A 26 -27.10 -8.39 21.32
CA LYS A 26 -28.12 -7.86 20.41
C LYS A 26 -28.84 -8.93 19.63
N LYS A 27 -30.05 -8.60 19.18
CA LYS A 27 -30.79 -9.44 18.24
C LYS A 27 -30.34 -9.10 16.82
N VAL A 28 -30.02 -10.11 16.04
CA VAL A 28 -29.49 -9.94 14.69
C VAL A 28 -30.04 -11.01 13.77
N LYS A 29 -29.90 -10.80 12.47
CA LYS A 29 -30.20 -11.86 11.50
C LYS A 29 -28.89 -12.28 10.86
N ILE A 30 -28.55 -13.56 10.99
CA ILE A 30 -27.28 -14.06 10.46
C ILE A 30 -27.53 -14.85 9.19
N PHE A 31 -26.94 -14.38 8.09
CA PHE A 31 -27.09 -15.04 6.79
C PHE A 31 -25.91 -15.96 6.54
N LEU A 32 -26.18 -17.26 6.60
CA LEU A 32 -25.12 -18.27 6.49
C LEU A 32 -24.78 -18.58 5.04
N ARG A 33 -23.58 -19.13 4.82
CA ARG A 33 -23.08 -19.34 3.47
C ARG A 33 -23.91 -20.36 2.70
N ASN A 34 -24.66 -21.20 3.42
CA ASN A 34 -25.48 -22.20 2.72
C ASN A 34 -26.88 -21.68 2.39
N GLY A 35 -27.17 -20.45 2.77
CA GLY A 35 -28.46 -19.87 2.46
C GLY A 35 -29.42 -19.84 3.63
N GLU A 36 -29.08 -20.51 4.73
CA GLU A 36 -29.91 -20.46 5.93
C GLU A 36 -29.82 -19.10 6.60
N VAL A 37 -30.90 -18.69 7.27
CA VAL A 37 -30.92 -17.42 8.01
C VAL A 37 -31.27 -17.69 9.47
N LEU A 38 -30.43 -17.21 10.37
CA LEU A 38 -30.64 -17.38 11.79
C LEU A 38 -31.20 -16.13 12.45
N ASP A 39 -32.38 -16.26 13.05
CA ASP A 39 -32.91 -15.18 13.88
CA ASP A 39 -32.94 -15.22 13.88
C ASP A 39 -32.32 -15.37 15.27
N ALA A 40 -31.26 -14.61 15.54
CA ALA A 40 -30.39 -14.90 16.67
C ALA A 40 -30.24 -13.78 17.67
N GLU A 41 -29.95 -14.18 18.91
CA GLU A 41 -29.43 -13.27 19.91
C GLU A 41 -27.97 -13.62 20.11
N VAL A 42 -27.10 -12.62 20.00
CA VAL A 42 -25.67 -12.84 20.17
C VAL A 42 -25.32 -12.93 21.66
N THR A 43 -24.65 -14.02 22.04
CA THR A 43 -24.31 -14.25 23.45
C THR A 43 -22.80 -14.21 23.68
N GLY A 44 -22.02 -14.26 22.61
CA GLY A 44 -20.57 -14.17 22.76
C GLY A 44 -19.88 -14.00 21.43
N VAL A 45 -18.72 -13.35 21.43
CA VAL A 45 -17.97 -13.17 20.19
C VAL A 45 -16.49 -13.38 20.47
N SER A 46 -15.85 -14.23 19.69
CA SER A 46 -14.41 -14.43 19.79
C SER A 46 -13.80 -14.06 18.44
N ASN A 47 -12.49 -14.24 18.27
CA ASN A 47 -11.87 -13.92 17.00
C ASN A 47 -12.53 -14.65 15.84
N TYR A 48 -12.84 -15.93 16.03
CA TYR A 48 -13.31 -16.75 14.92
C TYR A 48 -14.74 -17.25 15.05
N GLU A 49 -15.40 -16.95 16.16
CA GLU A 49 -16.71 -17.54 16.44
C GLU A 49 -17.71 -16.50 16.92
N ILE A 50 -18.98 -16.75 16.64
CA ILE A 50 -20.07 -16.01 17.26
C ILE A 50 -21.02 -17.01 17.91
N MET A 51 -21.26 -16.83 19.21
CA MET A 51 -22.16 -17.68 19.98
C MET A 51 -23.53 -17.04 19.96
N VAL A 52 -24.56 -17.85 19.72
CA VAL A 52 -25.92 -17.32 19.63
C VAL A 52 -26.95 -18.23 20.27
N LYS A 53 -28.07 -17.62 20.66
CA LYS A 53 -29.30 -18.35 20.95
C LYS A 53 -30.26 -18.18 19.78
N VAL A 54 -30.78 -19.29 19.27
CA VAL A 54 -31.78 -19.27 18.20
C VAL A 54 -32.95 -20.15 18.64
N GLY A 55 -34.07 -19.52 18.98
CA GLY A 55 -35.16 -20.24 19.60
C GLY A 55 -34.67 -20.88 20.87
N ASP A 56 -34.87 -22.19 21.00
CA ASP A 56 -34.42 -22.90 22.18
C ASP A 56 -33.05 -23.54 21.95
N ARG A 57 -32.40 -23.19 20.84
CA ARG A 57 -31.10 -23.76 20.48
CA ARG A 57 -31.10 -23.77 20.52
C ARG A 57 -29.94 -22.86 20.89
N ASN A 58 -28.86 -23.46 21.35
CA ASN A 58 -27.63 -22.75 21.55
C ASN A 58 -26.62 -23.19 20.48
N LEU A 59 -26.09 -22.23 19.74
CA LEU A 59 -25.19 -22.53 18.62
C LEU A 59 -23.88 -21.78 18.73
N LEU A 60 -22.81 -22.50 18.38
CA LEU A 60 -21.55 -21.87 18.02
C LEU A 60 -21.56 -21.69 16.49
N VAL A 61 -21.42 -20.46 16.02
CA VAL A 61 -21.37 -20.20 14.59
C VAL A 61 -19.96 -19.76 14.22
N PHE A 62 -19.32 -20.47 13.29
CA PHE A 62 -17.99 -20.03 12.83
C PHE A 62 -18.14 -18.83 11.90
N LYS A 63 -17.34 -17.78 12.11
CA LYS A 63 -17.49 -16.60 11.27
C LYS A 63 -17.30 -16.92 9.78
N HIS A 64 -16.44 -17.90 9.48
CA HIS A 64 -16.15 -18.23 8.09
C HIS A 64 -17.40 -18.77 7.37
N ALA A 65 -18.39 -19.20 8.15
CA ALA A 65 -19.63 -19.72 7.57
C ALA A 65 -20.69 -18.64 7.42
N ILE A 66 -20.36 -17.43 7.87
CA ILE A 66 -21.30 -16.31 7.76
C ILE A 66 -21.00 -15.44 6.56
N ASP A 67 -22.04 -15.00 5.85
CA ASP A 67 -21.86 -14.07 4.74
C ASP A 67 -22.09 -12.62 5.22
N THR A 68 -23.29 -12.37 5.77
CA THR A 68 -23.67 -11.05 6.26
C THR A 68 -24.43 -11.17 7.57
N ILE A 69 -24.45 -10.09 8.32
CA ILE A 69 -25.26 -10.02 9.55
C ILE A 69 -26.05 -8.73 9.52
N GLU A 70 -27.37 -8.84 9.66
CA GLU A 70 -28.23 -7.66 9.72
C GLU A 70 -28.52 -7.32 11.18
N TYR A 71 -28.33 -6.05 11.56
CA TYR A 71 -28.41 -5.68 12.97
C TYR A 71 -29.08 -4.33 13.14
N ILE B 14 -6.29 -12.68 26.33
CA ILE B 14 -7.20 -12.94 25.22
C ILE B 14 -6.59 -13.73 24.03
N PRO B 15 -5.24 -13.75 23.86
CA PRO B 15 -4.77 -14.61 22.76
C PRO B 15 -5.14 -16.09 22.89
N ASN B 16 -5.58 -16.66 21.77
CA ASN B 16 -5.97 -18.06 21.69
C ASN B 16 -7.27 -18.37 22.43
N PHE B 17 -8.00 -17.36 22.89
CA PHE B 17 -9.32 -17.65 23.45
C PHE B 17 -10.27 -18.16 22.37
N GLU B 18 -10.98 -19.24 22.69
CA GLU B 18 -12.00 -19.74 21.80
C GLU B 18 -13.08 -20.43 22.59
N TYR B 19 -14.29 -20.39 22.05
CA TYR B 19 -15.41 -21.08 22.66
C TYR B 19 -15.44 -22.58 22.34
N ALA B 20 -14.88 -22.97 21.19
CA ALA B 20 -15.00 -24.35 20.74
C ALA B 20 -14.39 -25.33 21.75
N ARG B 21 -13.27 -24.97 22.37
CA ARG B 21 -12.65 -25.91 23.28
C ARG B 21 -13.51 -26.17 24.54
N ARG B 22 -14.45 -25.28 24.83
CA ARG B 22 -15.35 -25.46 25.95
C ARG B 22 -16.36 -26.58 25.68
N LEU B 23 -16.43 -27.02 24.44
CA LEU B 23 -17.30 -28.12 24.08
C LEU B 23 -16.65 -29.47 24.32
N ASN B 24 -15.40 -29.47 24.78
CA ASN B 24 -14.68 -30.70 25.05
C ASN B 24 -15.45 -31.58 26.01
N GLY B 25 -15.60 -32.85 25.65
CA GLY B 25 -16.29 -33.81 26.48
C GLY B 25 -17.81 -33.77 26.40
N LYS B 26 -18.35 -32.93 25.52
CA LYS B 26 -19.80 -32.78 25.39
C LYS B 26 -20.33 -33.47 24.14
N LYS B 27 -21.61 -33.87 24.19
CA LYS B 27 -22.31 -34.38 23.03
C LYS B 27 -22.90 -33.21 22.27
N VAL B 28 -22.61 -33.14 20.97
CA VAL B 28 -22.99 -31.97 20.19
C VAL B 28 -23.47 -32.41 18.81
N LYS B 29 -24.11 -31.50 18.10
CA LYS B 29 -24.45 -31.73 16.70
C LYS B 29 -23.58 -30.82 15.82
N ILE B 30 -22.78 -31.43 14.96
CA ILE B 30 -21.91 -30.64 14.08
C ILE B 30 -22.47 -30.56 12.68
N PHE B 31 -22.74 -29.33 12.24
CA PHE B 31 -23.31 -29.08 10.92
C PHE B 31 -22.19 -28.70 9.95
N LEU B 32 -21.85 -29.65 9.09
CA LEU B 32 -20.72 -29.48 8.17
C LEU B 32 -21.13 -28.68 6.93
N ARG B 33 -20.13 -28.10 6.27
CA ARG B 33 -20.40 -27.20 5.14
C ARG B 33 -21.09 -27.89 3.95
N ASN B 34 -20.97 -29.22 3.87
CA ASN B 34 -21.58 -29.99 2.79
C ASN B 34 -23.00 -30.44 3.12
N GLY B 35 -23.49 -30.03 4.29
CA GLY B 35 -24.85 -30.33 4.68
C GLY B 35 -25.00 -31.54 5.58
N GLU B 36 -23.94 -32.32 5.75
CA GLU B 36 -23.98 -33.46 6.65
C GLU B 36 -24.05 -32.98 8.11
N VAL B 37 -24.66 -33.79 8.96
CA VAL B 37 -24.75 -33.47 10.37
C VAL B 37 -24.14 -34.60 11.17
N LEU B 38 -23.23 -34.28 12.07
CA LEU B 38 -22.61 -35.30 12.91
C LEU B 38 -23.18 -35.26 14.32
N ASP B 39 -23.71 -36.38 14.80
CA ASP B 39 -24.04 -36.51 16.21
C ASP B 39 -22.79 -36.95 16.93
N ALA B 40 -22.08 -36.00 17.53
CA ALA B 40 -20.69 -36.22 17.91
C ALA B 40 -20.42 -36.03 19.39
N GLU B 41 -19.43 -36.78 19.88
CA GLU B 41 -18.85 -36.54 21.20
C GLU B 41 -17.49 -35.91 20.97
N VAL B 42 -17.27 -34.71 21.50
CA VAL B 42 -15.98 -34.05 21.33
C VAL B 42 -14.93 -34.62 22.28
N THR B 43 -13.79 -35.03 21.73
CA THR B 43 -12.73 -35.61 22.56
C THR B 43 -11.46 -34.76 22.58
N GLY B 44 -11.33 -33.82 21.65
CA GLY B 44 -10.18 -32.93 21.62
C GLY B 44 -10.42 -31.71 20.73
N VAL B 45 -9.84 -30.59 21.11
CA VAL B 45 -9.96 -29.38 20.31
C VAL B 45 -8.59 -28.71 20.19
N SER B 46 -8.16 -28.44 18.96
CA SER B 46 -6.96 -27.67 18.72
C SER B 46 -7.33 -26.37 18.02
N ASN B 47 -6.35 -25.57 17.63
CA ASN B 47 -6.66 -24.30 16.97
CA ASN B 47 -6.65 -24.30 16.97
C ASN B 47 -7.50 -24.50 15.72
N TYR B 48 -7.17 -25.53 14.94
CA TYR B 48 -7.83 -25.72 13.65
C TYR B 48 -8.64 -27.00 13.51
N GLU B 49 -8.58 -27.88 14.51
CA GLU B 49 -9.23 -29.19 14.42
C GLU B 49 -10.14 -29.49 15.60
N ILE B 50 -11.18 -30.27 15.34
CA ILE B 50 -11.96 -30.88 16.41
C ILE B 50 -11.97 -32.40 16.25
N MET B 51 -11.59 -33.12 17.30
CA MET B 51 -11.59 -34.59 17.30
C MET B 51 -12.89 -35.09 17.88
N VAL B 52 -13.56 -36.04 17.21
CA VAL B 52 -14.86 -36.49 17.69
C VAL B 52 -15.03 -38.00 17.53
N LYS B 53 -15.93 -38.54 18.33
CA LYS B 53 -16.44 -39.88 18.11
C LYS B 53 -17.85 -39.75 17.54
N VAL B 54 -18.11 -40.47 16.46
CA VAL B 54 -19.46 -40.49 15.88
C VAL B 54 -19.82 -41.96 15.71
N GLY B 55 -20.68 -42.45 16.58
CA GLY B 55 -20.97 -43.87 16.60
C GLY B 55 -19.69 -44.62 16.87
N ASP B 56 -19.34 -45.54 15.97
CA ASP B 56 -18.13 -46.34 16.12
C ASP B 56 -16.96 -45.77 15.34
N ARG B 57 -17.12 -44.54 14.81
CA ARG B 57 -16.08 -43.92 13.99
C ARG B 57 -15.31 -42.87 14.79
N ASN B 58 -14.01 -42.78 14.55
CA ASN B 58 -13.20 -41.69 15.08
C ASN B 58 -12.85 -40.74 13.93
N LEU B 59 -13.15 -39.45 14.11
CA LEU B 59 -12.95 -38.47 13.05
C LEU B 59 -12.10 -37.30 13.49
N LEU B 60 -11.28 -36.80 12.57
CA LEU B 60 -10.69 -35.47 12.74
C LEU B 60 -11.54 -34.54 11.88
N VAL B 61 -12.09 -33.49 12.50
CA VAL B 61 -12.92 -32.55 11.75
C VAL B 61 -12.19 -31.22 11.66
N PHE B 62 -11.91 -30.75 10.45
CA PHE B 62 -11.32 -29.42 10.33
C PHE B 62 -12.38 -28.35 10.62
N LYS B 63 -12.01 -27.37 11.45
CA LYS B 63 -12.96 -26.32 11.79
C LYS B 63 -13.44 -25.56 10.56
N HIS B 64 -12.59 -25.42 9.53
CA HIS B 64 -12.99 -24.69 8.32
C HIS B 64 -14.13 -25.38 7.57
N ALA B 65 -14.34 -26.66 7.86
CA ALA B 65 -15.41 -27.42 7.22
C ALA B 65 -16.69 -27.41 8.06
N ILE B 66 -16.66 -26.74 9.21
CA ILE B 66 -17.84 -26.65 10.07
C ILE B 66 -18.58 -25.33 9.87
N ASP B 67 -19.91 -25.39 9.79
CA ASP B 67 -20.72 -24.17 9.74
C ASP B 67 -21.16 -23.76 11.15
N THR B 68 -21.90 -24.63 11.82
CA THR B 68 -22.38 -24.39 13.18
C THR B 68 -22.24 -25.64 14.02
N ILE B 69 -22.24 -25.46 15.34
CA ILE B 69 -22.31 -26.57 16.30
C ILE B 69 -23.43 -26.27 17.28
N GLU B 70 -24.38 -27.19 17.39
CA GLU B 70 -25.46 -27.06 18.36
C GLU B 70 -25.10 -27.85 19.62
N TYR B 71 -25.22 -27.23 20.80
CA TYR B 71 -24.72 -27.87 22.01
C TYR B 71 -25.66 -27.60 23.17
N PRO C 15 0.10 -22.73 19.55
CA PRO C 15 0.85 -23.94 19.94
C PRO C 15 1.38 -24.73 18.75
N ASN C 16 2.53 -25.39 18.92
CA ASN C 16 3.06 -26.27 17.90
C ASN C 16 2.48 -27.67 18.10
N PHE C 17 1.19 -27.78 17.84
CA PHE C 17 0.48 -29.05 17.96
C PHE C 17 -0.56 -29.17 16.86
N GLU C 18 -0.64 -30.35 16.26
CA GLU C 18 -1.69 -30.69 15.30
C GLU C 18 -2.10 -32.12 15.55
N TYR C 19 -3.39 -32.38 15.64
CA TYR C 19 -3.87 -33.75 15.69
C TYR C 19 -3.56 -34.49 14.39
N ALA C 20 -3.46 -33.76 13.28
CA ALA C 20 -3.23 -34.43 12.00
C ALA C 20 -1.90 -35.18 12.00
N ARG C 21 -0.93 -34.75 12.83
CA ARG C 21 0.37 -35.42 12.89
C ARG C 21 0.27 -36.84 13.43
N ARG C 22 -0.81 -37.11 14.15
CA ARG C 22 -1.08 -38.44 14.69
C ARG C 22 -1.31 -39.45 13.57
N LEU C 23 -1.60 -38.94 12.38
CA LEU C 23 -2.01 -39.78 11.26
C LEU C 23 -0.86 -40.24 10.39
N ASN C 24 0.36 -39.76 10.68
CA ASN C 24 1.48 -40.09 9.81
C ASN C 24 1.73 -41.61 9.81
N GLY C 25 1.86 -42.16 8.61
CA GLY C 25 2.07 -43.59 8.45
C GLY C 25 0.83 -44.45 8.61
N LYS C 26 -0.34 -43.82 8.75
CA LYS C 26 -1.59 -44.56 8.97
C LYS C 26 -2.48 -44.65 7.74
N LYS C 27 -3.28 -45.71 7.67
CA LYS C 27 -4.33 -45.84 6.68
C LYS C 27 -5.57 -45.09 7.16
N VAL C 28 -6.05 -44.15 6.36
CA VAL C 28 -7.18 -43.32 6.75
C VAL C 28 -8.17 -43.15 5.58
N LYS C 29 -9.35 -42.62 5.87
CA LYS C 29 -10.28 -42.19 4.82
C LYS C 29 -10.43 -40.67 4.87
N ILE C 30 -10.07 -40.01 3.77
CA ILE C 30 -10.08 -38.56 3.68
C ILE C 30 -11.31 -38.11 2.89
N PHE C 31 -12.18 -37.36 3.55
CA PHE C 31 -13.40 -36.88 2.93
C PHE C 31 -13.16 -35.47 2.45
N LEU C 32 -13.03 -35.30 1.13
CA LEU C 32 -12.73 -33.99 0.53
C LEU C 32 -13.97 -33.13 0.35
N ARG C 33 -13.73 -31.83 0.16
CA ARG C 33 -14.82 -30.86 0.13
C ARG C 33 -15.68 -31.03 -1.11
N ASN C 34 -15.17 -31.73 -2.11
CA ASN C 34 -15.96 -31.97 -3.32
C ASN C 34 -16.80 -33.25 -3.24
N GLY C 35 -16.76 -33.90 -2.09
CA GLY C 35 -17.51 -35.14 -1.90
C GLY C 35 -16.77 -36.43 -2.22
N GLU C 36 -15.58 -36.34 -2.80
CA GLU C 36 -14.78 -37.53 -3.03
C GLU C 36 -14.18 -38.04 -1.73
N VAL C 37 -13.94 -39.34 -1.67
CA VAL C 37 -13.31 -39.98 -0.52
C VAL C 37 -12.02 -40.65 -0.97
N LEU C 38 -10.94 -40.38 -0.26
CA LEU C 38 -9.64 -41.00 -0.57
C LEU C 38 -9.34 -42.12 0.41
N ASP C 39 -9.15 -43.34 -0.09
CA ASP C 39 -8.61 -44.43 0.73
C ASP C 39 -7.10 -44.27 0.77
N ALA C 40 -6.60 -43.58 1.79
CA ALA C 40 -5.25 -43.05 1.78
C ALA C 40 -4.32 -43.70 2.80
N GLU C 41 -3.06 -43.82 2.42
CA GLU C 41 -2.00 -44.01 3.39
C GLU C 41 -1.24 -42.71 3.56
N VAL C 42 -1.19 -42.17 4.77
CA VAL C 42 -0.52 -40.90 5.00
C VAL C 42 0.98 -41.07 5.00
N THR C 43 1.69 -40.30 4.18
CA THR C 43 3.13 -40.40 4.11
C THR C 43 3.85 -39.16 4.63
N GLY C 44 3.11 -38.09 4.88
CA GLY C 44 3.71 -36.87 5.41
C GLY C 44 2.64 -35.88 5.83
N VAL C 45 2.95 -35.05 6.83
CA VAL C 45 2.00 -34.02 7.28
C VAL C 45 2.75 -32.73 7.53
N SER C 46 2.41 -31.67 6.79
CA SER C 46 3.00 -30.36 7.00
C SER C 46 1.93 -29.45 7.60
N ASN C 47 2.25 -28.17 7.79
CA ASN C 47 1.26 -27.26 8.38
C ASN C 47 0.01 -27.15 7.51
N TYR C 48 0.20 -27.18 6.19
CA TYR C 48 -0.91 -26.93 5.27
C TYR C 48 -1.29 -28.10 4.37
N GLU C 49 -0.50 -29.17 4.37
CA GLU C 49 -0.65 -30.25 3.42
C GLU C 49 -0.64 -31.61 4.10
N ILE C 50 -1.27 -32.59 3.47
CA ILE C 50 -1.13 -33.99 3.88
C ILE C 50 -0.74 -34.77 2.62
N MET C 51 0.39 -35.46 2.70
CA MET C 51 0.88 -36.26 1.58
C MET C 51 0.33 -37.66 1.76
N VAL C 52 -0.22 -38.23 0.68
CA VAL C 52 -0.83 -39.56 0.76
C VAL C 52 -0.45 -40.41 -0.44
N LYS C 53 -0.54 -41.73 -0.24
CA LYS C 53 -0.57 -42.69 -1.33
C LYS C 53 -2.00 -43.18 -1.45
N VAL C 54 -2.55 -43.13 -2.67
CA VAL C 54 -3.89 -43.63 -2.94
C VAL C 54 -3.79 -44.52 -4.16
N GLY C 55 -4.04 -45.81 -3.98
CA GLY C 55 -3.83 -46.76 -5.06
C GLY C 55 -2.36 -46.69 -5.47
N ASP C 56 -2.11 -46.47 -6.75
CA ASP C 56 -0.73 -46.36 -7.21
C ASP C 56 -0.31 -44.89 -7.34
N ARG C 57 -1.15 -43.98 -6.85
CA ARG C 57 -0.92 -42.55 -7.00
C ARG C 57 -0.33 -41.89 -5.74
N ASN C 58 0.57 -40.93 -5.96
CA ASN C 58 1.01 -40.04 -4.89
C ASN C 58 0.30 -38.68 -5.02
N LEU C 59 -0.31 -38.23 -3.94
CA LEU C 59 -1.06 -36.97 -3.93
C LEU C 59 -0.56 -36.04 -2.86
N LEU C 60 -0.56 -34.75 -3.17
CA LEU C 60 -0.47 -33.71 -2.16
C LEU C 60 -1.90 -33.26 -1.94
N VAL C 61 -2.38 -33.35 -0.71
CA VAL C 61 -3.74 -32.92 -0.40
C VAL C 61 -3.66 -31.67 0.47
N PHE C 62 -4.25 -30.56 0.01
CA PHE C 62 -4.28 -29.38 0.86
C PHE C 62 -5.32 -29.54 1.97
N LYS C 63 -4.94 -29.22 3.20
CA LYS C 63 -5.86 -29.37 4.31
C LYS C 63 -7.14 -28.56 4.12
N HIS C 64 -7.03 -27.39 3.47
CA HIS C 64 -8.22 -26.57 3.26
C HIS C 64 -9.26 -27.26 2.38
N ALA C 65 -8.84 -28.31 1.65
CA ALA C 65 -9.78 -29.05 0.81
C ALA C 65 -10.35 -30.28 1.52
N ILE C 66 -9.96 -30.48 2.77
CA ILE C 66 -10.43 -31.63 3.54
C ILE C 66 -11.55 -31.21 4.48
N ASP C 67 -12.62 -32.00 4.53
CA ASP C 67 -13.67 -31.77 5.52
C ASP C 67 -13.40 -32.59 6.79
N THR C 68 -13.31 -33.91 6.64
CA THR C 68 -13.07 -34.81 7.77
C THR C 68 -12.07 -35.93 7.38
N ILE C 69 -11.47 -36.52 8.39
CA ILE C 69 -10.62 -37.68 8.19
C ILE C 69 -11.04 -38.76 9.17
N GLU C 70 -11.39 -39.93 8.66
CA GLU C 70 -11.72 -41.08 9.51
C GLU C 70 -10.48 -41.97 9.67
N TYR C 71 -10.15 -42.31 10.91
CA TYR C 71 -8.91 -43.02 11.18
C TYR C 71 -9.10 -44.10 12.24
N ASN D 16 8.43 -22.24 7.75
CA ASN D 16 7.56 -23.42 7.71
C ASN D 16 7.84 -24.30 6.49
N PHE D 17 7.66 -25.60 6.66
CA PHE D 17 7.93 -26.53 5.58
C PHE D 17 6.75 -26.67 4.63
N GLU D 18 7.04 -26.61 3.32
CA GLU D 18 6.05 -26.86 2.27
C GLU D 18 6.48 -28.05 1.43
N TYR D 19 5.66 -29.09 1.35
CA TYR D 19 5.90 -30.14 0.36
C TYR D 19 5.75 -29.61 -1.06
N ALA D 20 4.98 -28.54 -1.24
CA ALA D 20 4.71 -28.05 -2.58
C ALA D 20 5.97 -27.55 -3.28
N ARG D 21 6.95 -27.08 -2.50
CA ARG D 21 8.18 -26.56 -3.08
C ARG D 21 8.87 -27.63 -3.91
N ARG D 22 8.79 -28.87 -3.45
CA ARG D 22 9.39 -30.02 -4.12
C ARG D 22 8.85 -30.28 -5.52
N LEU D 23 7.72 -29.67 -5.85
CA LEU D 23 7.06 -29.94 -7.12
C LEU D 23 7.58 -29.10 -8.27
N ASN D 24 8.44 -28.13 -7.97
CA ASN D 24 8.94 -27.22 -8.99
C ASN D 24 9.71 -27.98 -10.07
N GLY D 25 9.37 -27.70 -11.33
CA GLY D 25 10.01 -28.37 -12.45
C GLY D 25 9.34 -29.68 -12.85
N LYS D 26 8.37 -30.13 -12.06
CA LYS D 26 7.69 -31.39 -12.36
C LYS D 26 6.40 -31.24 -13.17
N LYS D 27 6.08 -32.29 -13.93
CA LYS D 27 4.79 -32.43 -14.59
C LYS D 27 3.79 -33.03 -13.62
N VAL D 28 2.69 -32.33 -13.36
CA VAL D 28 1.72 -32.77 -12.36
C VAL D 28 0.31 -32.60 -12.87
N LYS D 29 -0.66 -33.19 -12.18
CA LYS D 29 -2.06 -32.94 -12.44
C LYS D 29 -2.63 -32.15 -11.27
N ILE D 30 -3.16 -30.95 -11.54
CA ILE D 30 -3.71 -30.12 -10.47
C ILE D 30 -5.23 -30.15 -10.51
N PHE D 31 -5.84 -30.61 -9.43
CA PHE D 31 -7.28 -30.72 -9.34
C PHE D 31 -7.83 -29.51 -8.61
N LEU D 32 -8.44 -28.59 -9.36
CA LEU D 32 -8.95 -27.35 -8.80
C LEU D 32 -10.31 -27.52 -8.13
N ARG D 33 -10.65 -26.58 -7.24
CA ARG D 33 -11.86 -26.70 -6.44
C ARG D 33 -13.14 -26.64 -7.26
N ASN D 34 -13.05 -26.15 -8.50
CA ASN D 34 -14.26 -26.06 -9.31
C ASN D 34 -14.49 -27.31 -10.15
N GLY D 35 -13.59 -28.28 -10.09
CA GLY D 35 -13.71 -29.49 -10.88
C GLY D 35 -12.84 -29.53 -12.12
N GLU D 36 -12.17 -28.42 -12.42
CA GLU D 36 -11.22 -28.40 -13.54
C GLU D 36 -9.96 -29.15 -13.15
N VAL D 37 -9.30 -29.76 -14.12
CA VAL D 37 -8.02 -30.42 -13.90
C VAL D 37 -6.97 -29.83 -14.83
N LEU D 38 -5.84 -29.40 -14.27
CA LEU D 38 -4.75 -28.84 -15.05
C LEU D 38 -3.65 -29.87 -15.27
N ASP D 39 -3.34 -30.16 -16.53
CA ASP D 39 -2.18 -30.96 -16.87
C ASP D 39 -1.01 -29.99 -16.97
N ALA D 40 -0.26 -29.86 -15.87
CA ALA D 40 0.61 -28.70 -15.67
C ALA D 40 2.08 -29.04 -15.52
N GLU D 41 2.92 -28.12 -15.96
CA GLU D 41 4.33 -28.14 -15.61
C GLU D 41 4.54 -27.02 -14.59
N VAL D 42 5.07 -27.37 -13.42
CA VAL D 42 5.30 -26.37 -12.38
C VAL D 42 6.55 -25.58 -12.65
N THR D 43 6.43 -24.27 -12.68
CA THR D 43 7.56 -23.39 -12.98
C THR D 43 8.00 -22.51 -11.80
N GLY D 44 7.22 -22.52 -10.72
CA GLY D 44 7.59 -21.75 -9.54
C GLY D 44 6.59 -21.99 -8.43
N VAL D 45 7.05 -21.84 -7.20
CA VAL D 45 6.20 -22.01 -6.01
C VAL D 45 6.51 -20.94 -4.99
N SER D 46 5.48 -20.23 -4.53
CA SER D 46 5.63 -19.27 -3.44
C SER D 46 4.76 -19.70 -2.28
N ASN D 47 4.70 -18.90 -1.22
CA ASN D 47 3.93 -19.29 -0.04
C ASN D 47 2.47 -19.57 -0.41
N TYR D 48 1.90 -18.75 -1.29
CA TYR D 48 0.46 -18.87 -1.60
C TYR D 48 0.13 -19.24 -3.04
N GLU D 49 1.14 -19.35 -3.89
CA GLU D 49 0.92 -19.51 -5.35
C GLU D 49 1.73 -20.64 -5.93
N ILE D 50 1.17 -21.25 -6.97
CA ILE D 50 1.94 -22.18 -7.79
C ILE D 50 1.82 -21.71 -9.24
N MET D 51 2.97 -21.51 -9.87
CA MET D 51 3.03 -21.02 -11.23
C MET D 51 3.18 -22.22 -12.15
N VAL D 52 2.39 -22.25 -13.23
CA VAL D 52 2.41 -23.42 -14.12
C VAL D 52 2.35 -23.06 -15.60
N LYS D 53 2.82 -23.98 -16.42
CA LYS D 53 2.56 -23.98 -17.85
C LYS D 53 1.51 -25.05 -18.16
N VAL D 54 0.46 -24.65 -18.88
CA VAL D 54 -0.60 -25.55 -19.30
C VAL D 54 -0.91 -25.28 -20.76
N GLY D 55 -0.64 -26.24 -21.63
CA GLY D 55 -0.73 -25.98 -23.06
C GLY D 55 0.22 -24.85 -23.39
N ASP D 56 -0.26 -23.82 -24.08
CA ASP D 56 0.59 -22.68 -24.38
C ASP D 56 0.26 -21.50 -23.47
N ARG D 57 -0.33 -21.80 -22.32
CA ARG D 57 -0.72 -20.77 -21.35
C ARG D 57 0.20 -20.75 -20.14
N ASN D 58 0.43 -19.57 -19.59
CA ASN D 58 1.08 -19.45 -18.30
C ASN D 58 0.04 -19.03 -17.27
N LEU D 59 -0.04 -19.76 -16.17
CA LEU D 59 -1.04 -19.50 -15.16
C LEU D 59 -0.40 -19.29 -13.80
N LEU D 60 -0.93 -18.33 -13.06
CA LEU D 60 -0.73 -18.27 -11.63
C LEU D 60 -1.91 -18.97 -10.99
N VAL D 61 -1.63 -19.99 -10.19
CA VAL D 61 -2.67 -20.73 -9.47
C VAL D 61 -2.58 -20.42 -7.99
N PHE D 62 -3.66 -19.92 -7.39
CA PHE D 62 -3.66 -19.79 -5.94
C PHE D 62 -3.82 -21.15 -5.27
N LYS D 63 -2.97 -21.44 -4.28
CA LYS D 63 -3.09 -22.72 -3.57
C LYS D 63 -4.48 -22.93 -2.97
N HIS D 64 -5.14 -21.84 -2.54
CA HIS D 64 -6.46 -21.99 -1.92
C HIS D 64 -7.50 -22.53 -2.90
N ALA D 65 -7.21 -22.45 -4.20
CA ALA D 65 -8.13 -22.93 -5.22
C ALA D 65 -7.83 -24.37 -5.61
N ILE D 66 -6.78 -24.94 -5.02
CA ILE D 66 -6.37 -26.31 -5.32
C ILE D 66 -6.90 -27.28 -4.26
N ASP D 67 -7.46 -28.40 -4.72
CA ASP D 67 -7.81 -29.49 -3.80
C ASP D 67 -6.66 -30.47 -3.61
N THR D 68 -6.24 -31.11 -4.70
CA THR D 68 -5.14 -32.07 -4.64
C THR D 68 -4.21 -31.87 -5.83
N ILE D 69 -2.97 -32.35 -5.69
CA ILE D 69 -2.03 -32.43 -6.79
C ILE D 69 -1.52 -33.85 -6.92
N GLU D 70 -1.65 -34.41 -8.12
CA GLU D 70 -1.12 -35.75 -8.41
C GLU D 70 0.25 -35.59 -9.07
N TYR D 71 1.27 -36.25 -8.53
CA TYR D 71 2.63 -36.03 -9.00
C TYR D 71 3.47 -37.30 -9.05
N LYS E 12 5.25 -7.39 7.94
CA LYS E 12 6.51 -7.13 7.26
C LYS E 12 6.39 -5.90 6.35
N VAL E 13 7.19 -4.86 6.61
CA VAL E 13 7.15 -3.67 5.76
C VAL E 13 7.60 -4.02 4.33
N ILE E 14 8.69 -4.75 4.20
CA ILE E 14 9.10 -5.24 2.90
C ILE E 14 8.34 -6.55 2.63
N PRO E 15 7.50 -6.55 1.58
CA PRO E 15 6.64 -7.72 1.34
C PRO E 15 7.37 -9.03 1.15
N ASN E 16 6.78 -10.12 1.62
CA ASN E 16 7.24 -11.45 1.27
C ASN E 16 7.08 -11.65 -0.23
N PHE E 17 7.94 -12.46 -0.83
CA PHE E 17 7.86 -12.65 -2.27
C PHE E 17 6.51 -13.21 -2.71
N GLU E 18 5.94 -12.60 -3.74
CA GLU E 18 4.81 -13.22 -4.43
C GLU E 18 4.82 -12.88 -5.92
N TYR E 19 4.45 -13.87 -6.73
CA TYR E 19 4.46 -13.69 -8.16
C TYR E 19 3.44 -12.67 -8.63
N ALA E 20 2.34 -12.53 -7.90
CA ALA E 20 1.28 -11.62 -8.33
C ALA E 20 1.75 -10.16 -8.46
N ARG E 21 2.71 -9.76 -7.65
CA ARG E 21 3.17 -8.37 -7.70
C ARG E 21 3.86 -8.08 -9.02
N ARG E 22 4.41 -9.12 -9.67
CA ARG E 22 5.02 -8.99 -10.99
C ARG E 22 3.99 -8.64 -12.06
N LEU E 23 2.72 -8.87 -11.75
CA LEU E 23 1.65 -8.62 -12.71
C LEU E 23 1.12 -7.20 -12.61
N ASN E 24 1.61 -6.43 -11.63
CA ASN E 24 1.17 -5.05 -11.52
C ASN E 24 1.54 -4.28 -12.79
N GLY E 25 0.55 -3.63 -13.40
CA GLY E 25 0.75 -2.91 -14.65
C GLY E 25 0.47 -3.72 -15.90
N LYS E 26 0.17 -5.01 -15.73
CA LYS E 26 -0.03 -5.89 -16.87
C LYS E 26 -1.49 -6.21 -17.13
N LYS E 27 -1.77 -6.58 -18.38
CA LYS E 27 -3.08 -7.09 -18.78
C LYS E 27 -3.11 -8.59 -18.57
N VAL E 28 -4.13 -9.08 -17.88
CA VAL E 28 -4.21 -10.49 -17.53
C VAL E 28 -5.66 -10.96 -17.63
N LYS E 29 -5.89 -12.28 -17.55
CA LYS E 29 -7.25 -12.79 -17.44
C LYS E 29 -7.40 -13.39 -16.06
N ILE E 30 -8.33 -12.87 -15.27
CA ILE E 30 -8.51 -13.36 -13.92
C ILE E 30 -9.74 -14.28 -13.88
N PHE E 31 -9.53 -15.51 -13.43
CA PHE E 31 -10.62 -16.49 -13.35
C PHE E 31 -11.09 -16.63 -11.91
N LEU E 32 -12.30 -16.14 -11.66
CA LEU E 32 -12.83 -16.09 -10.31
C LEU E 32 -13.50 -17.40 -9.93
N ARG E 33 -13.63 -17.62 -8.62
CA ARG E 33 -14.21 -18.85 -8.09
C ARG E 33 -15.65 -19.08 -8.53
N ASN E 34 -16.34 -17.99 -8.88
CA ASN E 34 -17.73 -18.06 -9.30
C ASN E 34 -17.90 -18.39 -10.78
N GLY E 35 -16.79 -18.61 -11.46
CA GLY E 35 -16.83 -18.96 -12.87
C GLY E 35 -16.72 -17.80 -13.85
N GLU E 36 -16.56 -16.57 -13.35
CA GLU E 36 -16.37 -15.42 -14.25
C GLU E 36 -14.94 -15.31 -14.73
N VAL E 37 -14.74 -14.70 -15.89
CA VAL E 37 -13.39 -14.27 -16.25
C VAL E 37 -13.40 -12.75 -16.40
N LEU E 38 -12.35 -12.13 -15.87
CA LEU E 38 -12.15 -10.69 -15.97
C LEU E 38 -11.00 -10.39 -16.91
N ASP E 39 -11.27 -9.58 -17.94
CA ASP E 39 -10.20 -9.08 -18.78
C ASP E 39 -9.65 -7.83 -18.10
N ALA E 40 -8.54 -8.00 -17.39
CA ALA E 40 -8.17 -7.02 -16.38
C ALA E 40 -6.81 -6.38 -16.63
N GLU E 41 -6.69 -5.11 -16.25
CA GLU E 41 -5.40 -4.48 -16.10
C GLU E 41 -5.12 -4.30 -14.61
N VAL E 42 -4.05 -4.90 -14.12
CA VAL E 42 -3.72 -4.84 -12.70
C VAL E 42 -3.13 -3.48 -12.35
N THR E 43 -3.69 -2.85 -11.32
CA THR E 43 -3.25 -1.51 -10.96
C THR E 43 -2.69 -1.46 -9.55
N GLY E 44 -2.89 -2.52 -8.78
CA GLY E 44 -2.35 -2.57 -7.42
C GLY E 44 -2.47 -3.95 -6.82
N VAL E 45 -1.57 -4.25 -5.89
CA VAL E 45 -1.57 -5.53 -5.18
C VAL E 45 -1.28 -5.28 -3.69
N SER E 46 -2.15 -5.79 -2.83
CA SER E 46 -1.92 -5.78 -1.39
C SER E 46 -1.82 -7.22 -0.92
N ASN E 47 -1.64 -7.41 0.38
CA ASN E 47 -1.60 -8.77 0.92
C ASN E 47 -2.86 -9.57 0.60
N TYR E 48 -4.00 -8.90 0.54
CA TYR E 48 -5.32 -9.55 0.52
CA TYR E 48 -5.27 -9.64 0.44
C TYR E 48 -6.10 -9.28 -0.77
N GLU E 49 -5.68 -8.25 -1.52
CA GLU E 49 -6.46 -7.80 -2.68
C GLU E 49 -5.61 -7.63 -3.93
N ILE E 50 -6.27 -7.68 -5.09
CA ILE E 50 -5.67 -7.25 -6.34
C ILE E 50 -6.60 -6.21 -6.96
N MET E 51 -6.08 -5.02 -7.25
CA MET E 51 -6.91 -3.95 -7.82
C MET E 51 -6.81 -4.00 -9.33
N VAL E 52 -7.95 -3.90 -10.01
CA VAL E 52 -7.95 -3.98 -11.47
C VAL E 52 -8.89 -2.98 -12.14
N LYS E 53 -8.57 -2.66 -13.38
CA LYS E 53 -9.48 -1.99 -14.31
C LYS E 53 -10.04 -3.03 -15.29
N VAL E 54 -11.36 -3.08 -15.43
CA VAL E 54 -12.00 -3.99 -16.37
C VAL E 54 -13.04 -3.20 -17.14
N GLY E 55 -12.83 -3.05 -18.45
CA GLY E 55 -13.67 -2.16 -19.23
C GLY E 55 -13.49 -0.76 -18.68
N ASP E 56 -14.58 -0.11 -18.30
CA ASP E 56 -14.46 1.17 -17.62
C ASP E 56 -14.88 1.04 -16.15
N ARG E 57 -14.77 -0.17 -15.62
CA ARG E 57 -15.03 -0.41 -14.21
C ARG E 57 -13.73 -0.48 -13.42
N ASN E 58 -13.76 0.04 -12.21
CA ASN E 58 -12.67 -0.18 -11.26
C ASN E 58 -13.12 -1.20 -10.25
N LEU E 59 -12.34 -2.28 -10.09
CA LEU E 59 -12.70 -3.35 -9.16
C LEU E 59 -11.62 -3.60 -8.12
N LEU E 60 -12.07 -3.84 -6.90
CA LEU E 60 -11.25 -4.48 -5.88
C LEU E 60 -11.58 -5.97 -5.96
N VAL E 61 -10.57 -6.80 -6.23
CA VAL E 61 -10.75 -8.26 -6.29
C VAL E 61 -10.08 -8.91 -5.09
N PHE E 62 -10.85 -9.62 -4.27
CA PHE E 62 -10.22 -10.31 -3.14
C PHE E 62 -9.48 -11.52 -3.66
N LYS E 63 -8.25 -11.70 -3.20
CA LYS E 63 -7.44 -12.83 -3.65
C LYS E 63 -8.14 -14.17 -3.36
N HIS E 64 -8.88 -14.25 -2.25
CA HIS E 64 -9.55 -15.51 -1.89
C HIS E 64 -10.62 -15.90 -2.93
N ALA E 65 -11.07 -14.93 -3.72
CA ALA E 65 -12.08 -15.17 -4.75
C ALA E 65 -11.48 -15.53 -6.10
N ILE E 66 -10.15 -15.53 -6.18
CA ILE E 66 -9.49 -15.85 -7.43
C ILE E 66 -9.06 -17.32 -7.46
N ASP E 67 -9.31 -18.01 -8.58
CA ASP E 67 -8.75 -19.36 -8.76
C ASP E 67 -7.40 -19.31 -9.49
N THR E 68 -7.40 -18.72 -10.69
CA THR E 68 -6.18 -18.64 -11.50
C THR E 68 -6.10 -17.29 -12.20
N ILE E 69 -4.89 -16.94 -12.63
CA ILE E 69 -4.67 -15.78 -13.47
C ILE E 69 -3.83 -16.18 -14.67
N GLU E 70 -4.37 -15.98 -15.86
CA GLU E 70 -3.61 -16.24 -17.09
C GLU E 70 -2.90 -14.95 -17.48
N TYR E 71 -1.59 -15.03 -17.70
CA TYR E 71 -0.82 -13.82 -17.96
C TYR E 71 0.15 -14.02 -19.12
N ILE F 14 -2.08 -10.19 10.36
CA ILE F 14 -2.90 -9.01 10.10
C ILE F 14 -2.15 -8.03 9.20
N PRO F 15 -2.73 -7.70 8.04
CA PRO F 15 -2.08 -6.76 7.11
C PRO F 15 -2.09 -5.33 7.61
N ASN F 16 -1.01 -4.61 7.34
CA ASN F 16 -0.94 -3.20 7.69
C ASN F 16 -1.64 -2.33 6.66
N PHE F 17 -1.56 -2.73 5.38
CA PHE F 17 -2.21 -1.97 4.33
C PHE F 17 -3.29 -2.75 3.58
N GLU F 18 -4.41 -2.09 3.35
CA GLU F 18 -5.43 -2.64 2.46
C GLU F 18 -6.11 -1.52 1.69
N TYR F 19 -6.41 -1.78 0.43
CA TYR F 19 -7.13 -0.81 -0.40
C TYR F 19 -8.57 -0.59 0.08
N ALA F 20 -9.12 -1.59 0.76
CA ALA F 20 -10.52 -1.51 1.19
C ALA F 20 -10.76 -0.33 2.12
N ARG F 21 -9.73 0.09 2.85
CA ARG F 21 -9.88 1.19 3.81
C ARG F 21 -10.44 2.45 3.15
N ARG F 22 -9.99 2.74 1.94
CA ARG F 22 -10.37 3.97 1.25
C ARG F 22 -11.75 3.89 0.63
N LEU F 23 -12.43 2.75 0.81
CA LEU F 23 -13.80 2.63 0.36
C LEU F 23 -14.77 3.26 1.35
N ASN F 24 -14.27 3.63 2.53
CA ASN F 24 -15.16 4.14 3.57
C ASN F 24 -15.85 5.40 3.09
N GLY F 25 -17.16 5.47 3.32
CA GLY F 25 -17.97 6.60 2.88
C GLY F 25 -18.39 6.61 1.43
N LYS F 26 -17.99 5.59 0.66
CA LYS F 26 -18.31 5.53 -0.77
C LYS F 26 -19.53 4.63 -1.07
N LYS F 27 -20.23 4.96 -2.15
CA LYS F 27 -21.25 4.09 -2.72
C LYS F 27 -20.59 3.09 -3.65
N VAL F 28 -20.80 1.80 -3.38
CA VAL F 28 -20.14 0.76 -4.14
C VAL F 28 -21.12 -0.36 -4.49
N LYS F 29 -20.69 -1.29 -5.33
CA LYS F 29 -21.43 -2.52 -5.57
C LYS F 29 -20.62 -3.67 -5.00
N ILE F 30 -21.21 -4.44 -4.10
CA ILE F 30 -20.53 -5.57 -3.49
C ILE F 30 -21.09 -6.88 -4.07
N PHE F 31 -20.23 -7.60 -4.77
CA PHE F 31 -20.64 -8.88 -5.36
C PHE F 31 -20.32 -10.00 -4.37
N LEU F 32 -21.36 -10.56 -3.76
CA LEU F 32 -21.19 -11.62 -2.76
C LEU F 32 -20.96 -12.99 -3.38
N ARG F 33 -20.38 -13.88 -2.59
CA ARG F 33 -19.93 -15.16 -3.13
C ARG F 33 -21.06 -16.09 -3.55
N ASN F 34 -22.30 -15.77 -3.20
CA ASN F 34 -23.42 -16.63 -3.62
C ASN F 34 -24.11 -16.11 -4.88
N GLY F 35 -23.69 -14.95 -5.35
CA GLY F 35 -24.28 -14.37 -6.54
C GLY F 35 -25.14 -13.15 -6.29
N GLU F 36 -25.46 -12.87 -5.03
CA GLU F 36 -26.19 -11.64 -4.72
C GLU F 36 -25.29 -10.42 -4.87
N VAL F 37 -25.90 -9.27 -5.15
CA VAL F 37 -25.17 -7.99 -5.24
C VAL F 37 -25.81 -6.98 -4.31
N LEU F 38 -24.97 -6.25 -3.57
CA LEU F 38 -25.46 -5.19 -2.69
C LEU F 38 -25.13 -3.83 -3.29
N ASP F 39 -26.15 -2.98 -3.45
CA ASP F 39 -25.89 -1.55 -3.70
C ASP F 39 -25.67 -0.92 -2.34
N ALA F 40 -24.42 -0.68 -1.99
CA ALA F 40 -24.08 -0.39 -0.62
C ALA F 40 -23.44 0.97 -0.47
N GLU F 41 -23.70 1.60 0.68
CA GLU F 41 -22.87 2.71 1.13
C GLU F 41 -21.99 2.22 2.27
N VAL F 42 -20.69 2.33 2.12
CA VAL F 42 -19.75 1.83 3.12
C VAL F 42 -19.68 2.79 4.31
N THR F 43 -19.90 2.27 5.51
CA THR F 43 -19.92 3.09 6.72
C THR F 43 -18.79 2.73 7.68
N GLY F 44 -18.04 1.67 7.38
CA GLY F 44 -16.91 1.28 8.20
C GLY F 44 -16.15 0.14 7.57
N VAL F 45 -14.85 0.09 7.82
CA VAL F 45 -14.00 -0.99 7.31
C VAL F 45 -13.05 -1.46 8.39
N SER F 46 -13.03 -2.77 8.66
CA SER F 46 -12.03 -3.36 9.54
C SER F 46 -11.20 -4.35 8.74
N ASN F 47 -10.26 -5.03 9.39
CA ASN F 47 -9.41 -5.96 8.64
C ASN F 47 -10.22 -7.06 7.98
N TYR F 48 -11.29 -7.51 8.62
CA TYR F 48 -12.05 -8.63 8.06
C TYR F 48 -13.52 -8.36 7.75
N GLU F 49 -13.97 -7.14 8.04
CA GLU F 49 -15.38 -6.77 7.85
C GLU F 49 -15.55 -5.49 7.08
N ILE F 50 -16.66 -5.39 6.35
CA ILE F 50 -17.06 -4.11 5.78
C ILE F 50 -18.48 -3.81 6.25
N MET F 51 -18.68 -2.63 6.83
CA MET F 51 -19.99 -2.22 7.31
C MET F 51 -20.70 -1.37 6.27
N VAL F 52 -21.95 -1.68 5.99
CA VAL F 52 -22.67 -0.98 4.94
C VAL F 52 -24.12 -0.67 5.31
N LYS F 53 -24.66 0.32 4.62
CA LYS F 53 -26.08 0.54 4.56
C LYS F 53 -26.58 0.11 3.20
N VAL F 54 -27.62 -0.71 3.18
CA VAL F 54 -28.28 -1.12 1.95
C VAL F 54 -29.75 -0.80 2.11
N GLY F 55 -30.22 0.19 1.36
CA GLY F 55 -31.54 0.75 1.58
C GLY F 55 -31.67 1.13 3.04
N ASP F 56 -32.65 0.55 3.71
CA ASP F 56 -32.91 0.87 5.11
C ASP F 56 -32.27 -0.14 6.06
N ARG F 57 -31.42 -1.03 5.54
CA ARG F 57 -30.78 -2.07 6.35
C ARG F 57 -29.33 -1.74 6.68
N ASN F 58 -28.90 -2.04 7.90
CA ASN F 58 -27.49 -1.99 8.26
C ASN F 58 -26.92 -3.39 8.27
N LEU F 59 -25.84 -3.61 7.54
CA LEU F 59 -25.25 -4.94 7.46
C LEU F 59 -23.79 -4.93 7.87
N LEU F 60 -23.38 -6.00 8.54
CA LEU F 60 -21.97 -6.33 8.61
C LEU F 60 -21.70 -7.35 7.50
N VAL F 61 -20.73 -7.07 6.64
CA VAL F 61 -20.36 -8.00 5.57
C VAL F 61 -18.98 -8.56 5.82
N PHE F 62 -18.85 -9.87 5.92
CA PHE F 62 -17.51 -10.44 6.07
C PHE F 62 -16.79 -10.40 4.73
N LYS F 63 -15.53 -9.94 4.73
CA LYS F 63 -14.77 -9.87 3.49
C LYS F 63 -14.61 -11.23 2.82
N HIS F 64 -14.54 -12.31 3.61
CA HIS F 64 -14.39 -13.64 3.02
C HIS F 64 -15.62 -14.01 2.18
N ALA F 65 -16.73 -13.31 2.39
CA ALA F 65 -17.93 -13.61 1.62
C ALA F 65 -18.07 -12.71 0.39
N ILE F 66 -17.09 -11.85 0.15
CA ILE F 66 -17.08 -10.97 -0.99
C ILE F 66 -16.14 -11.47 -2.08
N ASP F 67 -16.60 -11.42 -3.33
CA ASP F 67 -15.73 -11.75 -4.46
C ASP F 67 -15.06 -10.49 -5.01
N THR F 68 -15.87 -9.52 -5.41
CA THR F 68 -15.35 -8.25 -5.94
C THR F 68 -16.17 -7.08 -5.41
N ILE F 69 -15.57 -5.90 -5.42
CA ILE F 69 -16.26 -4.66 -5.13
C ILE F 69 -16.02 -3.70 -6.30
N GLU F 70 -17.10 -3.19 -6.89
CA GLU F 70 -17.03 -2.17 -7.94
C GLU F 70 -17.22 -0.79 -7.31
N TYR F 71 -16.29 0.12 -7.58
CA TYR F 71 -16.31 1.42 -6.91
C TYR F 71 -15.97 2.54 -7.89
N ASN G 16 9.57 15.69 -21.23
CA ASN G 16 9.80 16.57 -22.37
C ASN G 16 11.29 16.65 -22.69
N PHE G 17 11.67 17.69 -23.42
CA PHE G 17 13.08 17.87 -23.78
C PHE G 17 13.91 18.27 -22.58
N GLU G 18 15.13 17.75 -22.54
CA GLU G 18 15.99 17.80 -21.37
C GLU G 18 17.42 18.14 -21.77
N TYR G 19 17.87 19.35 -21.44
CA TYR G 19 19.23 19.75 -21.78
C TYR G 19 20.27 18.86 -21.08
N ALA G 20 19.88 18.24 -19.97
CA ALA G 20 20.83 17.45 -19.20
C ALA G 20 21.33 16.24 -19.97
N ARG G 21 20.50 15.67 -20.83
CA ARG G 21 20.89 14.46 -21.57
C ARG G 21 22.11 14.70 -22.45
N ARG G 22 22.26 15.92 -22.94
CA ARG G 22 23.37 16.27 -23.81
C ARG G 22 24.71 16.25 -23.07
N LEU G 23 24.65 16.24 -21.73
CA LEU G 23 25.87 16.28 -20.94
C LEU G 23 26.52 14.91 -20.82
N ASN G 24 25.85 13.88 -21.32
CA ASN G 24 26.34 12.52 -21.15
C ASN G 24 27.65 12.35 -21.88
N GLY G 25 28.64 11.78 -21.19
CA GLY G 25 29.97 11.59 -21.74
C GLY G 25 30.88 12.78 -21.56
N LYS G 26 30.41 13.84 -20.88
CA LYS G 26 31.21 15.05 -20.72
C LYS G 26 31.79 15.26 -19.32
N LYS G 27 32.86 16.02 -19.26
CA LYS G 27 33.46 16.43 -18.00
C LYS G 27 32.79 17.71 -17.53
N VAL G 28 32.23 17.71 -16.32
CA VAL G 28 31.48 18.88 -15.83
C VAL G 28 31.79 19.15 -14.37
N LYS G 29 31.37 20.31 -13.88
CA LYS G 29 31.41 20.59 -12.46
C LYS G 29 29.98 20.66 -11.95
N ILE G 30 29.66 19.81 -10.98
CA ILE G 30 28.31 19.77 -10.43
C ILE G 30 28.27 20.46 -9.08
N PHE G 31 27.48 21.53 -9.00
CA PHE G 31 27.37 22.29 -7.76
C PHE G 31 26.13 21.85 -7.00
N LEU G 32 26.36 21.08 -5.93
CA LEU G 32 25.28 20.49 -5.15
C LEU G 32 24.67 21.50 -4.18
N ARG G 33 23.48 21.18 -3.70
CA ARG G 33 22.72 22.12 -2.88
C ARG G 33 23.34 22.36 -1.52
N ASN G 34 24.21 21.45 -1.09
CA ASN G 34 24.82 21.58 0.24
C ASN G 34 26.11 22.39 0.24
N GLY G 35 26.62 22.72 -0.95
CA GLY G 35 27.82 23.53 -1.04
C GLY G 35 29.00 22.76 -1.59
N GLU G 36 28.83 21.45 -1.77
CA GLU G 36 29.90 20.63 -2.34
C GLU G 36 29.95 20.79 -3.86
N VAL G 37 31.14 20.63 -4.44
CA VAL G 37 31.32 20.69 -5.88
C VAL G 37 31.95 19.40 -6.37
N LEU G 38 31.34 18.76 -7.36
CA LEU G 38 31.86 17.52 -7.92
C LEU G 38 32.53 17.73 -9.26
N ASP G 39 33.81 17.37 -9.34
CA ASP G 39 34.50 17.30 -10.63
C ASP G 39 34.17 15.94 -11.22
N ALA G 40 33.26 15.94 -12.20
CA ALA G 40 32.60 14.71 -12.59
C ALA G 40 32.61 14.43 -14.09
N GLU G 41 32.61 13.15 -14.43
CA GLU G 41 32.33 12.73 -15.79
C GLU G 41 30.94 12.10 -15.78
N VAL G 42 30.06 12.61 -16.63
CA VAL G 42 28.70 12.08 -16.73
C VAL G 42 28.67 10.76 -17.51
N THR G 43 28.06 9.74 -16.93
CA THR G 43 27.97 8.43 -17.58
C THR G 43 26.54 8.00 -17.87
N GLY G 44 25.55 8.73 -17.35
CA GLY G 44 24.17 8.40 -17.60
C GLY G 44 23.25 9.51 -17.13
N VAL G 45 22.14 9.70 -17.83
CA VAL G 45 21.13 10.67 -17.41
C VAL G 45 19.75 10.07 -17.57
N SER G 46 18.97 10.05 -16.49
CA SER G 46 17.56 9.68 -16.52
C SER G 46 16.72 10.90 -16.23
N ASN G 47 15.39 10.71 -16.15
CA ASN G 47 14.49 11.81 -15.83
C ASN G 47 14.87 12.45 -14.50
N TYR G 48 15.21 11.63 -13.51
CA TYR G 48 15.44 12.15 -12.16
C TYR G 48 16.88 12.07 -11.66
N GLU G 49 17.77 11.38 -12.39
CA GLU G 49 19.11 11.11 -11.85
C GLU G 49 20.20 11.44 -12.86
N ILE G 50 21.38 11.78 -12.35
CA ILE G 50 22.57 11.85 -13.20
C ILE G 50 23.63 10.93 -12.62
N MET G 51 24.11 10.00 -13.44
CA MET G 51 25.16 9.07 -13.00
C MET G 51 26.52 9.66 -13.35
N VAL G 52 27.46 9.63 -12.40
CA VAL G 52 28.78 10.22 -12.65
C VAL G 52 29.93 9.36 -12.13
N LYS G 53 31.10 9.60 -12.71
CA LYS G 53 32.38 9.16 -12.14
C LYS G 53 33.05 10.37 -11.52
N VAL G 54 33.44 10.23 -10.25
CA VAL G 54 34.20 11.26 -9.58
C VAL G 54 35.44 10.59 -9.02
N GLY G 55 36.58 10.82 -9.68
CA GLY G 55 37.78 10.05 -9.39
C GLY G 55 37.53 8.60 -9.72
N ASP G 56 37.75 7.70 -8.76
CA ASP G 56 37.41 6.29 -8.96
C ASP G 56 36.13 5.93 -8.23
N ARG G 57 35.32 6.95 -7.91
CA ARG G 57 34.02 6.71 -7.28
C ARG G 57 32.91 6.80 -8.30
N ASN G 58 31.93 5.89 -8.21
CA ASN G 58 30.73 5.96 -9.02
C ASN G 58 29.59 6.47 -8.16
N LEU G 59 28.94 7.55 -8.59
CA LEU G 59 27.84 8.14 -7.84
C LEU G 59 26.58 8.18 -8.67
N LEU G 60 25.45 7.94 -7.99
CA LEU G 60 24.16 8.35 -8.52
C LEU G 60 23.88 9.69 -7.87
N VAL G 61 23.63 10.72 -8.68
CA VAL G 61 23.32 12.05 -8.17
C VAL G 61 21.86 12.33 -8.47
N PHE G 62 21.06 12.61 -7.46
CA PHE G 62 19.69 13.03 -7.77
C PHE G 62 19.66 14.47 -8.28
N LYS G 63 18.94 14.71 -9.37
CA LYS G 63 18.85 16.04 -9.93
C LYS G 63 18.35 17.05 -8.90
N HIS G 64 17.46 16.63 -8.01
CA HIS G 64 16.89 17.56 -7.03
C HIS G 64 17.96 18.09 -6.07
N ALA G 65 19.10 17.41 -6.00
CA ALA G 65 20.18 17.85 -5.13
C ALA G 65 21.18 18.74 -5.85
N ILE G 66 20.98 18.97 -7.15
CA ILE G 66 21.89 19.80 -7.92
C ILE G 66 21.35 21.21 -8.06
N ASP G 67 22.21 22.20 -7.87
CA ASP G 67 21.83 23.59 -8.15
C ASP G 67 22.19 23.97 -9.59
N THR G 68 23.48 23.92 -9.92
CA THR G 68 23.92 24.22 -11.28
C THR G 68 24.95 23.21 -11.75
N ILE G 69 25.12 23.13 -13.07
CA ILE G 69 26.19 22.34 -13.67
C ILE G 69 26.98 23.20 -14.63
N GLU G 70 28.29 23.28 -14.41
CA GLU G 70 29.17 24.03 -15.32
C GLU G 70 29.77 23.08 -16.33
N TYR G 71 29.63 23.38 -17.63
CA TYR G 71 30.05 22.46 -18.68
C TYR G 71 30.75 23.19 -19.82
N PRO H 15 6.36 2.73 -17.96
CA PRO H 15 6.95 3.21 -16.70
C PRO H 15 8.29 3.92 -16.91
N ASN H 16 8.72 4.65 -15.88
CA ASN H 16 9.92 5.49 -15.98
C ASN H 16 11.18 4.73 -15.60
N PHE H 17 12.20 4.79 -16.45
CA PHE H 17 13.45 4.14 -16.10
C PHE H 17 14.15 4.88 -14.96
N GLU H 18 14.61 4.13 -13.96
CA GLU H 18 15.43 4.68 -12.87
C GLU H 18 16.71 3.86 -12.73
N TYR H 19 17.84 4.54 -12.61
CA TYR H 19 19.10 3.87 -12.30
C TYR H 19 19.08 3.26 -10.90
N ALA H 20 18.24 3.82 -10.04
CA ALA H 20 18.22 3.40 -8.65
C ALA H 20 17.73 1.98 -8.48
N ARG H 21 16.87 1.52 -9.39
N ARG H 21 16.87 1.51 -9.38
CA ARG H 21 16.28 0.19 -9.29
CA ARG H 21 16.28 0.18 -9.24
C ARG H 21 17.35 -0.89 -9.20
C ARG H 21 17.35 -0.90 -9.20
N ARG H 22 18.40 -0.75 -10.01
CA ARG H 22 19.47 -1.75 -10.05
C ARG H 22 20.36 -1.71 -8.80
N LEU H 23 20.16 -0.75 -7.91
CA LEU H 23 20.93 -0.71 -6.65
C LEU H 23 20.39 -1.68 -5.60
N ASN H 24 19.22 -2.24 -5.85
CA ASN H 24 18.62 -3.19 -4.90
C ASN H 24 19.55 -4.37 -4.68
N GLY H 25 19.78 -4.70 -3.41
CA GLY H 25 20.67 -5.79 -3.05
C GLY H 25 22.13 -5.39 -2.86
N LYS H 26 22.46 -4.15 -3.21
CA LYS H 26 23.84 -3.69 -3.16
C LYS H 26 24.22 -2.98 -1.86
N LYS H 27 25.50 -3.05 -1.54
CA LYS H 27 26.08 -2.26 -0.47
C LYS H 27 26.43 -0.89 -1.04
N VAL H 28 25.93 0.17 -0.41
CA VAL H 28 26.12 1.52 -0.94
C VAL H 28 26.38 2.51 0.21
N LYS H 29 26.88 3.70 -0.11
CA LYS H 29 26.88 4.78 0.86
C LYS H 29 25.87 5.83 0.39
N ILE H 30 24.93 6.17 1.25
CA ILE H 30 23.88 7.14 0.91
C ILE H 30 24.15 8.44 1.65
N PHE H 31 24.32 9.52 0.90
CA PHE H 31 24.62 10.82 1.49
C PHE H 31 23.34 11.63 1.51
N LEU H 32 22.83 11.87 2.71
CA LEU H 32 21.54 12.53 2.88
C LEU H 32 21.69 14.04 2.88
N ARG H 33 20.58 14.73 2.62
CA ARG H 33 20.60 16.19 2.51
C ARG H 33 20.97 16.87 3.81
N ASN H 34 20.80 16.17 4.93
CA ASN H 34 21.13 16.74 6.23
C ASN H 34 22.59 16.55 6.58
N GLY H 35 23.36 15.98 5.66
CA GLY H 35 24.80 15.85 5.85
C GLY H 35 25.22 14.54 6.48
N GLU H 36 24.27 13.63 6.65
N GLU H 36 24.30 13.60 6.56
CA GLU H 36 24.57 12.30 7.18
CA GLU H 36 24.54 12.33 7.20
C GLU H 36 25.02 11.37 6.07
C GLU H 36 24.83 11.25 6.15
N VAL H 37 25.75 10.33 6.44
CA VAL H 37 26.06 9.26 5.50
C VAL H 37 25.59 7.94 6.10
N LEU H 38 24.91 7.14 5.27
CA LEU H 38 24.44 5.84 5.71
C LEU H 38 25.27 4.76 5.04
N ASP H 39 25.89 3.89 5.84
CA ASP H 39 26.60 2.74 5.31
C ASP H 39 25.55 1.63 5.19
N ALA H 40 24.99 1.48 3.99
CA ALA H 40 23.71 0.79 3.85
C ALA H 40 23.76 -0.43 2.92
N GLU H 41 22.89 -1.38 3.19
CA GLU H 41 22.57 -2.43 2.24
C GLU H 41 21.14 -2.18 1.72
N VAL H 42 20.99 -2.04 0.41
CA VAL H 42 19.68 -1.72 -0.15
C VAL H 42 18.79 -2.96 -0.15
N THR H 43 17.63 -2.83 0.49
CA THR H 43 16.70 -3.95 0.64
C THR H 43 15.43 -3.80 -0.18
N GLY H 44 15.24 -2.64 -0.80
CA GLY H 44 14.08 -2.42 -1.66
C GLY H 44 14.14 -1.05 -2.31
N VAL H 45 13.48 -0.91 -3.46
CA VAL H 45 13.46 0.38 -4.19
C VAL H 45 12.07 0.57 -4.77
N SER H 46 11.44 1.71 -4.49
CA SER H 46 10.17 2.07 -5.13
C SER H 46 10.37 3.37 -5.91
N ASN H 47 9.30 3.92 -6.46
CA ASN H 47 9.42 5.15 -7.21
C ASN H 47 9.98 6.29 -6.34
N TYR H 48 9.53 6.31 -5.08
N TYR H 48 9.54 6.35 -5.08
CA TYR H 48 9.69 7.44 -4.15
CA TYR H 48 9.87 7.49 -4.23
C TYR H 48 10.68 7.14 -3.00
C TYR H 48 10.72 7.15 -3.00
N GLU H 49 10.99 5.87 -2.79
CA GLU H 49 11.68 5.42 -1.59
C GLU H 49 12.83 4.47 -1.87
N ILE H 50 13.80 4.41 -0.96
CA ILE H 50 14.82 3.36 -0.95
C ILE H 50 14.83 2.75 0.44
N MET H 51 14.63 1.44 0.50
CA MET H 51 14.67 0.73 1.79
C MET H 51 16.08 0.23 2.05
N VAL H 52 16.56 0.40 3.28
CA VAL H 52 17.92 -0.02 3.63
C VAL H 52 18.01 -0.69 5.00
N LYS H 53 19.04 -1.53 5.13
CA LYS H 53 19.54 -1.98 6.42
C LYS H 53 20.86 -1.24 6.71
N VAL H 54 20.91 -0.61 7.87
CA VAL H 54 22.09 0.13 8.29
C VAL H 54 22.45 -0.34 9.69
N GLY H 55 23.56 -1.06 9.82
CA GLY H 55 23.88 -1.68 11.10
C GLY H 55 22.76 -2.62 11.52
N ASP H 56 22.20 -2.39 12.70
CA ASP H 56 21.07 -3.19 13.16
C ASP H 56 19.73 -2.46 13.00
N ARG H 57 19.70 -1.43 12.17
CA ARG H 57 18.48 -0.67 11.92
CA ARG H 57 18.49 -0.67 11.93
C ARG H 57 17.93 -0.91 10.52
N ASN H 58 16.61 -0.86 10.41
CA ASN H 58 15.96 -0.87 9.11
C ASN H 58 15.34 0.48 8.88
N LEU H 59 15.63 1.10 7.74
CA LEU H 59 15.12 2.42 7.46
C LEU H 59 14.35 2.47 6.15
N LEU H 60 13.33 3.31 6.11
CA LEU H 60 12.76 3.81 4.86
C LEU H 60 13.43 5.16 4.60
N VAL H 61 14.06 5.30 3.43
CA VAL H 61 14.73 6.55 3.05
C VAL H 61 13.95 7.16 1.89
N PHE H 62 13.48 8.40 2.05
CA PHE H 62 12.83 9.07 0.93
C PHE H 62 13.87 9.57 -0.04
N LYS H 63 13.68 9.29 -1.33
CA LYS H 63 14.64 9.71 -2.33
C LYS H 63 14.85 11.23 -2.30
N HIS H 64 13.79 11.99 -2.00
CA HIS H 64 13.95 13.46 -1.95
C HIS H 64 14.93 13.92 -0.87
N ALA H 65 15.22 13.07 0.11
CA ALA H 65 16.13 13.43 1.18
C ALA H 65 17.55 12.99 0.84
N ILE H 66 17.73 12.39 -0.33
CA ILE H 66 19.06 11.88 -0.72
C ILE H 66 19.73 12.86 -1.66
N ASP H 67 21.02 13.11 -1.46
CA ASP H 67 21.79 13.92 -2.40
C ASP H 67 22.48 13.01 -3.42
N THR H 68 23.33 12.11 -2.92
CA THR H 68 24.09 11.20 -3.77
C THR H 68 24.14 9.81 -3.16
N ILE H 69 24.40 8.82 -4.00
CA ILE H 69 24.61 7.44 -3.56
C ILE H 69 25.89 6.93 -4.21
N GLU H 70 26.84 6.50 -3.39
CA GLU H 70 28.08 5.92 -3.85
C GLU H 70 27.92 4.39 -3.91
N TYR H 71 28.23 3.79 -5.07
CA TYR H 71 28.01 2.36 -5.21
C TYR H 71 29.15 1.70 -5.98
N VAL I 13 1.56 8.98 -12.49
CA VAL I 13 2.70 9.45 -11.72
C VAL I 13 2.46 9.15 -10.24
N ILE I 14 1.26 8.69 -9.93
CA ILE I 14 1.00 8.12 -8.60
C ILE I 14 1.51 6.68 -8.67
N PRO I 15 2.47 6.34 -7.81
CA PRO I 15 3.09 5.01 -7.82
C PRO I 15 2.05 3.91 -7.65
N ASN I 16 2.30 2.74 -8.25
CA ASN I 16 1.39 1.62 -8.07
C ASN I 16 1.76 0.82 -6.82
N PHE I 17 2.83 1.24 -6.15
CA PHE I 17 3.27 0.64 -4.90
C PHE I 17 4.13 1.62 -4.13
N GLU I 18 4.03 1.58 -2.81
CA GLU I 18 4.95 2.31 -1.94
C GLU I 18 5.11 1.49 -0.67
N TYR I 19 6.30 1.54 -0.08
CA TYR I 19 6.53 0.87 1.18
C TYR I 19 5.89 1.58 2.37
N ALA I 20 5.79 2.92 2.31
CA ALA I 20 5.30 3.67 3.46
C ALA I 20 3.90 3.23 3.91
N ARG I 21 3.07 2.81 2.97
CA ARG I 21 1.70 2.39 3.32
C ARG I 21 1.72 1.18 4.25
N ARG I 22 2.77 0.39 4.19
CA ARG I 22 2.84 -0.79 5.06
C ARG I 22 3.33 -0.46 6.48
N LEU I 23 3.59 0.82 6.75
CA LEU I 23 3.91 1.25 8.10
C LEU I 23 2.68 1.48 8.97
N ASN I 24 1.49 1.49 8.36
CA ASN I 24 0.27 1.76 9.11
C ASN I 24 0.12 0.83 10.34
N GLY I 25 -0.17 1.44 11.48
CA GLY I 25 -0.31 0.70 12.73
C GLY I 25 0.98 0.43 13.49
N LYS I 26 2.12 0.82 12.92
CA LYS I 26 3.40 0.51 13.57
C LYS I 26 3.93 1.71 14.34
N LYS I 27 4.72 1.42 15.37
CA LYS I 27 5.45 2.45 16.07
C LYS I 27 6.81 2.64 15.39
N VAL I 28 7.10 3.89 15.01
CA VAL I 28 8.29 4.20 14.23
C VAL I 28 8.98 5.45 14.78
N LYS I 29 10.19 5.69 14.30
CA LYS I 29 10.84 6.99 14.54
C LYS I 29 10.90 7.76 13.23
N ILE I 30 10.28 8.93 13.21
CA ILE I 30 10.28 9.76 12.00
C ILE I 30 11.31 10.89 12.12
N PHE I 31 12.33 10.83 11.28
CA PHE I 31 13.37 11.86 11.28
C PHE I 31 13.01 12.98 10.29
N LEU I 32 12.58 14.12 10.84
CA LEU I 32 12.12 15.26 10.06
C LEU I 32 13.28 16.05 9.50
N ARG I 33 13.03 16.79 8.41
CA ARG I 33 14.10 17.46 7.69
C ARG I 33 14.81 18.57 8.47
N ASN I 34 14.22 19.06 9.56
CA ASN I 34 14.89 20.10 10.35
C ASN I 34 15.74 19.54 11.48
N GLY I 35 15.65 18.24 11.71
CA GLY I 35 16.46 17.62 12.75
C GLY I 35 15.65 17.06 13.89
N GLU I 36 14.37 17.41 13.96
CA GLU I 36 13.52 16.85 15.00
C GLU I 36 13.20 15.40 14.71
N VAL I 37 12.90 14.64 15.75
CA VAL I 37 12.53 13.23 15.61
C VAL I 37 11.23 12.98 16.34
N LEU I 38 10.32 12.24 15.71
CA LEU I 38 9.02 11.93 16.29
C LEU I 38 8.97 10.47 16.68
N ASP I 39 8.68 10.20 17.95
CA ASP I 39 8.31 8.85 18.37
C ASP I 39 6.83 8.67 18.06
N ALA I 40 6.55 8.04 16.93
CA ALA I 40 5.23 8.11 16.34
C ALA I 40 4.57 6.75 16.23
N GLU I 41 3.27 6.73 16.42
CA GLU I 41 2.47 5.60 15.98
C GLU I 41 1.76 6.01 14.70
N VAL I 42 1.96 5.25 13.63
CA VAL I 42 1.37 5.59 12.34
C VAL I 42 -0.10 5.19 12.32
N THR I 43 -0.97 6.13 12.00
CA THR I 43 -2.42 5.89 12.03
C THR I 43 -3.05 5.96 10.64
N GLY I 44 -2.33 6.47 9.65
CA GLY I 44 -2.80 6.51 8.28
C GLY I 44 -1.69 6.91 7.34
N VAL I 45 -1.79 6.50 6.08
CA VAL I 45 -0.82 6.90 5.07
C VAL I 45 -1.54 7.25 3.78
N SER I 46 -1.19 8.38 3.18
CA SER I 46 -1.65 8.68 1.82
C SER I 46 -0.46 8.84 0.89
N ASN I 47 -0.71 9.22 -0.36
N ASN I 47 -0.71 9.22 -0.36
CA ASN I 47 0.38 9.38 -1.32
CA ASN I 47 0.38 9.37 -1.31
C ASN I 47 1.43 10.35 -0.77
C ASN I 47 1.42 10.36 -0.81
N TYR I 48 0.96 11.46 -0.22
CA TYR I 48 1.88 12.51 0.22
C TYR I 48 1.93 12.81 1.71
N GLU I 49 1.13 12.10 2.51
CA GLU I 49 1.03 12.37 3.95
C GLU I 49 1.19 11.12 4.78
N ILE I 50 1.67 11.28 6.01
CA ILE I 50 1.60 10.23 7.02
C ILE I 50 0.95 10.80 8.26
N MET I 51 -0.11 10.15 8.73
CA MET I 51 -0.82 10.58 9.93
C MET I 51 -0.26 9.82 11.12
N VAL I 52 0.01 10.54 12.21
CA VAL I 52 0.62 9.91 13.37
C VAL I 52 0.04 10.40 14.69
N LYS I 53 0.22 9.58 15.73
CA LYS I 53 0.01 10.01 17.10
C LYS I 53 1.38 10.14 17.75
N VAL I 54 1.62 11.26 18.41
CA VAL I 54 2.85 11.48 19.16
C VAL I 54 2.49 12.03 20.54
N GLY I 55 2.81 11.28 21.58
CA GLY I 55 2.32 11.63 22.91
C GLY I 55 0.82 11.73 22.85
N ASP I 56 0.28 12.87 23.27
CA ASP I 56 -1.16 13.08 23.21
C ASP I 56 -1.55 13.92 21.99
N ARG I 57 -0.64 14.02 21.02
CA ARG I 57 -0.87 14.87 19.85
C ARG I 57 -1.18 14.08 18.59
N ASN I 58 -2.12 14.56 17.79
CA ASN I 58 -2.36 14.03 16.46
C ASN I 58 -1.72 14.96 15.42
N LEU I 59 -0.89 14.40 14.55
CA LEU I 59 -0.20 15.21 13.54
C LEU I 59 -0.44 14.69 12.13
N LEU I 60 -0.53 15.60 11.19
CA LEU I 60 -0.36 15.29 9.77
C LEU I 60 1.08 15.62 9.44
N VAL I 61 1.82 14.64 8.95
CA VAL I 61 3.20 14.84 8.55
C VAL I 61 3.29 14.75 7.02
N PHE I 62 3.79 15.80 6.37
CA PHE I 62 4.01 15.71 4.92
C PHE I 62 5.27 14.88 4.66
N LYS I 63 5.15 13.92 3.74
CA LYS I 63 6.31 13.06 3.44
C LYS I 63 7.52 13.88 2.96
N HIS I 64 7.27 15.00 2.29
CA HIS I 64 8.38 15.83 1.79
C HIS I 64 9.21 16.41 2.95
N ALA I 65 8.63 16.45 4.14
CA ALA I 65 9.31 16.96 5.34
C ALA I 65 10.05 15.84 6.10
N ILE I 66 9.95 14.61 5.61
CA ILE I 66 10.62 13.49 6.24
C ILE I 66 11.87 13.11 5.48
N ASP I 67 12.94 12.83 6.21
CA ASP I 67 14.16 12.30 5.62
C ASP I 67 14.16 10.76 5.64
N THR I 68 14.10 10.20 6.85
CA THR I 68 14.10 8.74 7.04
C THR I 68 13.06 8.35 8.08
N ILE I 69 12.63 7.09 8.00
CA ILE I 69 11.78 6.49 9.03
C ILE I 69 12.42 5.18 9.48
N GLU I 70 12.67 5.09 10.79
CA GLU I 70 13.21 3.87 11.40
C GLU I 70 12.06 3.03 11.95
N TYR I 71 12.04 1.75 11.59
CA TYR I 71 10.89 0.91 11.98
C TYR I 71 11.33 -0.49 12.42
N PRO J 15 -10.54 10.57 -7.21
CA PRO J 15 -9.50 11.59 -7.03
C PRO J 15 -8.45 11.19 -6.00
N ASN J 16 -7.26 11.77 -6.12
CA ASN J 16 -6.16 11.52 -5.18
CA ASN J 16 -6.17 11.51 -5.18
C ASN J 16 -6.58 11.85 -3.75
N PHE J 17 -6.66 10.83 -2.90
CA PHE J 17 -7.06 11.05 -1.52
C PHE J 17 -6.03 11.87 -0.74
N GLU J 18 -6.53 12.85 0.01
CA GLU J 18 -5.72 13.64 0.94
C GLU J 18 -6.38 13.69 2.30
N TYR J 19 -5.61 13.46 3.35
CA TYR J 19 -6.13 13.72 4.69
C TYR J 19 -6.28 15.23 4.94
N ALA J 20 -5.50 16.04 4.24
CA ALA J 20 -5.51 17.49 4.50
C ALA J 20 -6.86 18.13 4.25
N ARG J 21 -7.66 17.57 3.34
CA ARG J 21 -8.97 18.12 3.03
C ARG J 21 -9.89 18.10 4.25
N ARG J 22 -9.64 17.14 5.14
CA ARG J 22 -10.43 16.97 6.37
C ARG J 22 -10.19 18.11 7.36
N LEU J 23 -9.16 18.91 7.10
CA LEU J 23 -8.81 20.00 8.01
C LEU J 23 -9.58 21.28 7.73
N ASN J 24 -10.31 21.33 6.60
CA ASN J 24 -11.06 22.53 6.27
C ASN J 24 -12.06 22.86 7.38
N GLY J 25 -12.04 24.11 7.83
CA GLY J 25 -12.93 24.55 8.89
C GLY J 25 -12.46 24.22 10.29
N LYS J 26 -11.22 23.75 10.42
CA LYS J 26 -10.68 23.39 11.73
C LYS J 26 -9.61 24.36 12.21
N LYS J 27 -9.45 24.45 13.52
CA LYS J 27 -8.33 25.19 14.10
C LYS J 27 -7.15 24.25 14.26
N VAL J 28 -6.00 24.65 13.69
CA VAL J 28 -4.82 23.80 13.68
C VAL J 28 -3.56 24.60 14.01
N LYS J 29 -2.48 23.88 14.29
CA LYS J 29 -1.15 24.50 14.38
C LYS J 29 -0.32 24.04 13.19
N ILE J 30 0.11 24.99 12.37
CA ILE J 30 0.91 24.66 11.19
C ILE J 30 2.38 24.94 11.47
N PHE J 31 3.21 23.91 11.38
CA PHE J 31 4.64 24.07 11.63
C PHE J 31 5.35 24.20 10.29
N LEU J 32 5.82 25.40 9.99
CA LEU J 32 6.45 25.68 8.70
C LEU J 32 7.91 25.26 8.65
N ARG J 33 8.46 25.12 7.45
CA ARG J 33 9.80 24.59 7.29
C ARG J 33 10.88 25.49 7.86
N ASN J 34 10.57 26.77 8.05
CA ASN J 34 11.54 27.70 8.61
C ASN J 34 11.49 27.80 10.13
N GLY J 35 10.57 27.06 10.74
CA GLY J 35 10.50 26.98 12.19
C GLY J 35 9.38 27.81 12.77
N GLU J 36 8.78 28.64 11.93
CA GLU J 36 7.62 29.43 12.33
C GLU J 36 6.41 28.52 12.57
N VAL J 37 5.55 28.93 13.49
CA VAL J 37 4.33 28.18 13.80
C VAL J 37 3.12 29.06 13.63
N LEU J 38 2.13 28.60 12.87
CA LEU J 38 0.91 29.37 12.64
C LEU J 38 -0.25 28.82 13.46
N ASP J 39 -0.84 29.69 14.26
N ASP J 39 -0.85 29.66 14.29
CA ASP J 39 -2.07 29.42 14.95
CA ASP J 39 -2.07 29.27 14.96
C ASP J 39 -3.20 29.69 13.97
C ASP J 39 -3.22 29.64 14.05
N ALA J 40 -3.65 28.66 13.25
CA ALA J 40 -4.49 28.89 12.09
C ALA J 40 -5.89 28.31 12.12
N GLU J 41 -6.80 29.03 11.48
CA GLU J 41 -8.11 28.51 11.10
C GLU J 41 -8.11 28.20 9.61
N VAL J 42 -8.34 26.94 9.24
CA VAL J 42 -8.27 26.56 7.84
C VAL J 42 -9.55 26.95 7.11
N THR J 43 -9.42 27.70 6.02
CA THR J 43 -10.58 28.16 5.26
C THR J 43 -10.73 27.51 3.89
N GLY J 44 -9.73 26.72 3.47
CA GLY J 44 -9.79 26.09 2.17
C GLY J 44 -8.56 25.23 1.92
N VAL J 45 -8.72 24.16 1.15
CA VAL J 45 -7.62 23.26 0.85
C VAL J 45 -7.67 22.88 -0.62
N SER J 46 -6.54 23.03 -1.30
CA SER J 46 -6.40 22.57 -2.69
C SER J 46 -5.31 21.51 -2.75
N ASN J 47 -4.98 21.04 -3.95
CA ASN J 47 -3.95 20.01 -4.05
C ASN J 47 -2.62 20.48 -3.46
N TYR J 48 -2.30 21.75 -3.68
CA TYR J 48 -0.99 22.25 -3.29
C TYR J 48 -1.00 23.37 -2.25
N GLU J 49 -2.18 23.83 -1.85
CA GLU J 49 -2.26 24.99 -0.97
C GLU J 49 -3.21 24.74 0.19
N ILE J 50 -2.96 25.43 1.30
CA ILE J 50 -3.92 25.50 2.40
C ILE J 50 -4.18 26.97 2.71
N MET J 51 -5.45 27.36 2.70
CA MET J 51 -5.80 28.75 2.96
C MET J 51 -6.14 28.89 4.43
N VAL J 52 -5.60 29.92 5.09
CA VAL J 52 -5.83 30.10 6.51
C VAL J 52 -6.08 31.54 6.93
N LYS J 53 -6.73 31.65 8.09
CA LYS J 53 -6.82 32.89 8.84
C LYS J 53 -5.91 32.77 10.06
N VAL J 54 -5.01 33.74 10.24
CA VAL J 54 -4.12 33.80 11.40
C VAL J 54 -4.21 35.17 12.04
N GLY J 55 -4.87 35.25 13.19
CA GLY J 55 -5.18 36.55 13.76
C GLY J 55 -6.05 37.29 12.76
N ASP J 56 -5.64 38.48 12.34
CA ASP J 56 -6.42 39.22 11.37
C ASP J 56 -5.80 39.15 9.97
N ARG J 57 -4.87 38.22 9.77
CA ARG J 57 -4.21 38.05 8.49
C ARG J 57 -4.82 36.90 7.71
N ASN J 58 -4.96 37.06 6.40
CA ASN J 58 -5.33 35.95 5.55
C ASN J 58 -4.11 35.51 4.78
N LEU J 59 -3.80 34.21 4.84
CA LEU J 59 -2.62 33.66 4.20
C LEU J 59 -2.95 32.51 3.26
N LEU J 60 -2.24 32.47 2.15
CA LEU J 60 -2.13 31.25 1.35
C LEU J 60 -0.83 30.57 1.81
N VAL J 61 -0.94 29.31 2.23
CA VAL J 61 0.24 28.54 2.66
C VAL J 61 0.50 27.43 1.67
N PHE J 62 1.70 27.39 1.09
CA PHE J 62 2.00 26.26 0.19
C PHE J 62 2.30 25.01 1.00
N LYS J 63 1.71 23.89 0.62
CA LYS J 63 1.96 22.65 1.34
C LYS J 63 3.44 22.31 1.39
N HIS J 64 4.18 22.64 0.33
CA HIS J 64 5.59 22.29 0.30
C HIS J 64 6.38 23.01 1.39
N ALA J 65 5.79 24.07 1.95
CA ALA J 65 6.48 24.84 2.98
C ALA J 65 6.08 24.38 4.39
N ILE J 66 5.17 23.40 4.46
CA ILE J 66 4.70 22.87 5.74
C ILE J 66 5.46 21.60 6.09
N ASP J 67 5.86 21.47 7.36
CA ASP J 67 6.44 20.22 7.85
C ASP J 67 5.36 19.33 8.47
N THR J 68 4.69 19.83 9.50
CA THR J 68 3.62 19.09 10.18
C THR J 68 2.45 19.99 10.50
N ILE J 69 1.29 19.37 10.74
CA ILE J 69 0.10 20.08 11.19
C ILE J 69 -0.45 19.35 12.39
N GLU J 70 -0.57 20.06 13.52
CA GLU J 70 -1.22 19.51 14.70
C GLU J 70 -2.68 19.90 14.70
N TYR J 71 -3.56 18.91 14.86
CA TYR J 71 -5.00 19.13 14.75
C TYR J 71 -5.75 18.39 15.84
N PRO K 15 -9.31 20.28 -10.28
CA PRO K 15 -8.82 19.98 -11.63
C PRO K 15 -8.20 21.24 -12.27
N ASN K 16 -6.89 21.36 -12.06
CA ASN K 16 -6.11 22.57 -12.26
C ASN K 16 -6.63 23.74 -11.42
N PHE K 17 -7.45 23.45 -10.42
CA PHE K 17 -7.89 24.51 -9.53
C PHE K 17 -6.76 24.91 -8.61
N GLU K 18 -6.59 26.20 -8.43
CA GLU K 18 -5.65 26.69 -7.44
C GLU K 18 -6.15 28.01 -6.88
N TYR K 19 -5.81 28.28 -5.62
CA TYR K 19 -6.15 29.56 -5.03
C TYR K 19 -5.22 30.69 -5.47
N ALA K 20 -3.98 30.34 -5.81
CA ALA K 20 -2.98 31.37 -6.07
C ALA K 20 -3.41 32.30 -7.21
N ARG K 21 -4.07 31.76 -8.21
CA ARG K 21 -4.40 32.60 -9.37
C ARG K 21 -5.48 33.62 -9.01
N ARG K 22 -6.19 33.40 -7.90
CA ARG K 22 -7.16 34.38 -7.43
C ARG K 22 -6.50 35.61 -6.83
N LEU K 23 -5.19 35.54 -6.64
CA LEU K 23 -4.42 36.68 -6.15
C LEU K 23 -3.98 37.58 -7.30
N ASN K 24 -4.32 37.19 -8.51
CA ASN K 24 -3.93 37.93 -9.69
C ASN K 24 -4.47 39.35 -9.66
N GLY K 25 -3.59 40.32 -9.90
CA GLY K 25 -3.98 41.72 -9.90
C GLY K 25 -4.03 42.36 -8.53
N LYS K 26 -3.72 41.59 -7.49
CA LYS K 26 -3.78 42.09 -6.12
C LYS K 26 -2.39 42.46 -5.57
N LYS K 27 -2.38 43.34 -4.59
CA LYS K 27 -1.15 43.64 -3.86
C LYS K 27 -1.05 42.69 -2.67
N VAL K 28 0.10 42.04 -2.54
CA VAL K 28 0.29 40.98 -1.55
C VAL K 28 1.66 41.10 -0.93
N LYS K 29 1.90 40.36 0.15
CA LYS K 29 3.24 40.18 0.71
C LYS K 29 3.67 38.72 0.49
N ILE K 30 4.76 38.53 -0.23
CA ILE K 30 5.21 37.17 -0.52
C ILE K 30 6.38 36.84 0.38
N PHE K 31 6.21 35.80 1.19
CA PHE K 31 7.23 35.38 2.13
C PHE K 31 8.03 34.24 1.51
N LEU K 32 9.26 34.54 1.10
CA LEU K 32 10.10 33.56 0.39
C LEU K 32 10.82 32.65 1.36
N ARG K 33 11.28 31.50 0.85
CA ARG K 33 11.87 30.48 1.70
C ARG K 33 13.19 30.92 2.33
N ASN K 34 13.83 31.92 1.73
CA ASN K 34 15.08 32.47 2.25
C ASN K 34 14.86 33.52 3.34
N GLY K 35 13.60 33.80 3.65
CA GLY K 35 13.28 34.80 4.66
C GLY K 35 13.00 36.19 4.14
N GLU K 36 13.23 36.44 2.86
CA GLU K 36 12.91 37.74 2.29
C GLU K 36 11.40 37.89 2.10
N VAL K 37 10.92 39.13 2.17
CA VAL K 37 9.51 39.42 2.01
C VAL K 37 9.34 40.37 0.85
N LEU K 38 8.47 40.02 -0.10
CA LEU K 38 8.23 40.88 -1.23
C LEU K 38 6.91 41.62 -1.10
N ASP K 39 6.97 42.95 -1.18
CA ASP K 39 5.78 43.77 -1.26
C ASP K 39 5.44 43.87 -2.74
N ALA K 40 4.51 43.02 -3.18
CA ALA K 40 4.39 42.75 -4.61
C ALA K 40 3.00 43.02 -5.15
N GLU K 41 2.94 43.34 -6.44
CA GLU K 41 1.68 43.35 -7.17
C GLU K 41 1.73 42.18 -8.12
N VAL K 42 0.74 41.29 -8.02
CA VAL K 42 0.71 40.10 -8.85
C VAL K 42 0.18 40.44 -10.24
N THR K 43 0.95 40.11 -11.27
CA THR K 43 0.53 40.41 -12.64
C THR K 43 0.26 39.16 -13.47
N GLY K 44 0.74 38.00 -13.02
CA GLY K 44 0.43 36.78 -13.72
C GLY K 44 0.63 35.56 -12.84
N VAL K 45 -0.12 34.51 -13.10
CA VAL K 45 0.02 33.27 -12.35
C VAL K 45 -0.07 32.09 -13.29
N SER K 46 0.95 31.24 -13.25
CA SER K 46 0.93 29.98 -13.98
C SER K 46 0.97 28.82 -12.99
N ASN K 47 1.03 27.59 -13.49
N ASN K 47 1.02 27.60 -13.51
CA ASN K 47 1.06 26.47 -12.58
CA ASN K 47 1.09 26.43 -12.66
C ASN K 47 2.23 26.50 -11.62
C ASN K 47 2.24 26.48 -11.65
N TYR K 48 3.41 26.93 -12.10
CA TYR K 48 4.60 26.91 -11.26
C TYR K 48 5.20 28.26 -10.92
N GLU K 49 4.69 29.34 -11.52
CA GLU K 49 5.29 30.65 -11.40
C GLU K 49 4.29 31.71 -10.98
N ILE K 50 4.80 32.75 -10.31
CA ILE K 50 4.01 33.95 -10.08
C ILE K 50 4.81 35.15 -10.55
N MET K 51 4.21 35.94 -11.43
CA MET K 51 4.85 37.14 -11.95
C MET K 51 4.43 38.34 -11.11
N VAL K 52 5.40 39.13 -10.65
CA VAL K 52 5.10 40.27 -9.77
C VAL K 52 5.89 41.51 -10.14
N LYS K 53 5.31 42.66 -9.80
CA LYS K 53 6.05 43.91 -9.77
C LYS K 53 6.39 44.22 -8.33
N VAL K 54 7.66 44.53 -8.07
CA VAL K 54 8.11 44.93 -6.74
C VAL K 54 8.88 46.23 -6.88
N GLY K 55 8.28 47.32 -6.43
CA GLY K 55 8.82 48.64 -6.71
C GLY K 55 9.04 48.80 -8.21
N ASP K 56 10.29 49.06 -8.58
CA ASP K 56 10.64 49.26 -9.98
C ASP K 56 11.09 47.98 -10.67
N ARG K 57 11.02 46.86 -9.96
CA ARG K 57 11.54 45.60 -10.47
C ARG K 57 10.43 44.67 -10.96
N ASN K 58 10.68 43.99 -12.07
CA ASN K 58 9.84 42.90 -12.53
C ASN K 58 10.49 41.56 -12.16
N LEU K 59 9.74 40.70 -11.49
CA LEU K 59 10.26 39.43 -11.01
C LEU K 59 9.42 38.26 -11.49
N LEU K 60 10.09 37.17 -11.83
CA LEU K 60 9.44 35.87 -11.92
C LEU K 60 9.72 35.16 -10.59
N VAL K 61 8.68 34.72 -9.90
CA VAL K 61 8.86 34.03 -8.63
C VAL K 61 8.41 32.58 -8.78
N PHE K 62 9.30 31.64 -8.52
CA PHE K 62 8.89 30.24 -8.54
C PHE K 62 8.07 29.91 -7.30
N LYS K 63 6.92 29.28 -7.50
CA LYS K 63 6.08 28.93 -6.36
C LYS K 63 6.82 28.07 -5.33
N HIS K 64 7.75 27.22 -5.79
CA HIS K 64 8.46 26.35 -4.88
C HIS K 64 9.33 27.12 -3.90
N ALA K 65 9.64 28.38 -4.23
CA ALA K 65 10.45 29.22 -3.37
C ALA K 65 9.59 30.06 -2.43
N ILE K 66 8.27 29.91 -2.52
CA ILE K 66 7.38 30.66 -1.66
C ILE K 66 6.92 29.83 -0.47
N ASP K 67 6.90 30.43 0.73
CA ASP K 67 6.35 29.77 1.90
C ASP K 67 4.88 30.15 2.09
N THR K 68 4.62 31.45 2.24
CA THR K 68 3.25 31.94 2.44
C THR K 68 3.03 33.21 1.64
N ILE K 69 1.77 33.52 1.37
CA ILE K 69 1.41 34.80 0.77
C ILE K 69 0.31 35.44 1.60
N GLU K 70 0.57 36.67 2.07
CA GLU K 70 -0.44 37.43 2.80
C GLU K 70 -1.19 38.31 1.82
N TYR K 71 -2.52 38.27 1.86
CA TYR K 71 -3.31 39.03 0.88
C TYR K 71 -4.50 39.69 1.56
N PRO L 15 -0.95 22.33 -19.16
CA PRO L 15 -0.97 23.56 -19.97
C PRO L 15 0.42 23.90 -20.52
N ASN L 16 0.56 24.01 -21.85
CA ASN L 16 1.88 24.28 -22.40
C ASN L 16 2.18 25.76 -22.42
N PHE L 17 2.41 26.31 -21.21
CA PHE L 17 2.81 27.69 -21.05
C PHE L 17 3.74 27.86 -19.84
N GLU L 18 4.84 28.58 -20.04
CA GLU L 18 5.73 29.01 -18.96
C GLU L 18 6.10 30.46 -19.16
N TYR L 19 6.07 31.26 -18.09
CA TYR L 19 6.58 32.62 -18.18
C TYR L 19 8.09 32.61 -18.38
N ALA L 20 8.77 31.55 -17.92
CA ALA L 20 10.22 31.51 -18.05
C ALA L 20 10.67 31.55 -19.50
N ARG L 21 9.80 31.12 -20.41
CA ARG L 21 10.16 31.09 -21.84
C ARG L 21 10.35 32.50 -22.40
N ARG L 22 9.73 33.47 -21.75
CA ARG L 22 9.86 34.88 -22.13
C ARG L 22 11.30 35.38 -21.98
N LEU L 23 12.10 34.65 -21.21
CA LEU L 23 13.45 35.09 -20.86
C LEU L 23 14.53 34.65 -21.82
N ASN L 24 14.19 33.83 -22.81
CA ASN L 24 15.20 33.33 -23.72
C ASN L 24 15.87 34.48 -24.47
N GLY L 25 17.20 34.47 -24.45
CA GLY L 25 17.97 35.51 -25.13
C GLY L 25 18.12 36.81 -24.36
N LYS L 26 17.63 36.84 -23.12
CA LYS L 26 17.62 38.06 -22.32
C LYS L 26 18.70 38.05 -21.24
N LYS L 27 19.15 39.24 -20.87
CA LYS L 27 20.00 39.43 -19.70
C LYS L 27 19.12 39.53 -18.48
N VAL L 28 19.39 38.67 -17.49
CA VAL L 28 18.58 38.62 -16.29
C VAL L 28 19.46 38.44 -15.06
N LYS L 29 18.86 38.59 -13.88
CA LYS L 29 19.52 38.24 -12.62
C LYS L 29 18.82 37.04 -11.99
N ILE L 30 19.55 35.96 -11.80
CA ILE L 30 18.97 34.73 -11.25
C ILE L 30 19.35 34.60 -9.78
N PHE L 31 18.35 34.62 -8.90
CA PHE L 31 18.61 34.53 -7.46
C PHE L 31 18.45 33.07 -7.03
N LEU L 32 19.57 32.42 -6.72
CA LEU L 32 19.56 30.98 -6.42
C LEU L 32 19.23 30.72 -4.96
N ARG L 33 18.83 29.50 -4.65
CA ARG L 33 18.38 29.17 -3.31
C ARG L 33 19.51 29.19 -2.27
N ASN L 34 20.75 29.23 -2.72
CA ASN L 34 21.88 29.32 -1.80
C ASN L 34 22.32 30.76 -1.55
N GLY L 35 21.56 31.70 -2.10
CA GLY L 35 21.84 33.11 -1.91
C GLY L 35 22.75 33.77 -2.93
N GLU L 36 23.33 32.98 -3.83
CA GLU L 36 24.12 33.54 -4.91
C GLU L 36 23.22 34.16 -5.97
N VAL L 37 23.73 35.18 -6.65
CA VAL L 37 23.03 35.82 -7.75
C VAL L 37 23.85 35.64 -9.04
N LEU L 38 23.21 35.18 -10.11
CA LEU L 38 23.87 35.04 -11.39
C LEU L 38 23.52 36.20 -12.32
N ASP L 39 24.53 36.91 -12.79
CA ASP L 39 24.35 37.89 -13.86
C ASP L 39 24.35 37.13 -15.17
N ALA L 40 23.15 36.76 -15.64
CA ALA L 40 23.04 35.75 -16.67
C ALA L 40 22.49 36.26 -17.99
N GLU L 41 23.02 35.72 -19.07
CA GLU L 41 22.36 35.78 -20.37
C GLU L 41 21.70 34.43 -20.62
N VAL L 42 20.39 34.41 -20.81
CA VAL L 42 19.69 33.15 -21.02
C VAL L 42 19.87 32.66 -22.46
N THR L 43 20.28 31.41 -22.61
CA THR L 43 20.49 30.84 -23.94
C THR L 43 19.52 29.70 -24.25
N GLY L 44 18.75 29.27 -23.26
CA GLY L 44 17.81 28.20 -23.47
C GLY L 44 16.90 28.02 -22.27
N VAL L 45 15.66 27.60 -22.52
CA VAL L 45 14.71 27.32 -21.44
C VAL L 45 13.98 26.02 -21.73
N SER L 46 14.15 25.03 -20.86
CA SER L 46 13.40 23.79 -20.94
C SER L 46 12.37 23.74 -19.80
N ASN L 47 11.61 22.65 -19.73
CA ASN L 47 10.62 22.55 -18.66
C ASN L 47 11.24 22.66 -17.27
N TYR L 48 12.43 22.10 -17.11
CA TYR L 48 13.04 22.00 -15.78
C TYR L 48 14.35 22.73 -15.62
N GLU L 49 14.91 23.26 -16.71
CA GLU L 49 16.23 23.87 -16.69
C GLU L 49 16.25 25.22 -17.36
N ILE L 50 17.18 26.08 -16.95
CA ILE L 50 17.46 27.29 -17.69
C ILE L 50 18.96 27.29 -18.01
N MET L 51 19.28 27.37 -19.29
CA MET L 51 20.68 27.45 -19.73
C MET L 51 21.14 28.90 -19.82
N VAL L 52 22.31 29.20 -19.24
CA VAL L 52 22.80 30.57 -19.19
C VAL L 52 24.29 30.69 -19.49
N LYS L 53 24.70 31.87 -19.93
CA LYS L 53 26.10 32.24 -19.91
C LYS L 53 26.29 33.21 -18.74
N VAL L 54 27.27 32.93 -17.88
CA VAL L 54 27.62 33.82 -16.79
C VAL L 54 29.12 34.06 -16.83
N GLY L 55 29.53 35.30 -17.03
CA GLY L 55 30.93 35.58 -17.27
C GLY L 55 31.38 34.79 -18.48
N ASP L 56 32.42 33.98 -18.30
CA ASP L 56 32.91 33.17 -19.40
C ASP L 56 32.52 31.70 -19.27
N ARG L 57 31.57 31.40 -18.38
CA ARG L 57 31.13 30.02 -18.12
CA ARG L 57 31.18 30.01 -18.23
C ARG L 57 29.74 29.75 -18.69
N ASN L 58 29.51 28.51 -19.11
CA ASN L 58 28.18 28.09 -19.50
C ASN L 58 27.60 27.23 -18.38
N LEU L 59 26.38 27.53 -17.95
CA LEU L 59 25.77 26.78 -16.86
C LEU L 59 24.42 26.20 -17.24
N LEU L 60 24.14 25.01 -16.75
CA LEU L 60 22.77 24.51 -16.70
C LEU L 60 22.25 24.84 -15.31
N VAL L 61 21.15 25.58 -15.23
CA VAL L 61 20.58 25.93 -13.93
C VAL L 61 19.26 25.18 -13.75
N PHE L 62 19.14 24.39 -12.69
CA PHE L 62 17.86 23.74 -12.47
C PHE L 62 16.86 24.71 -11.88
N LYS L 63 15.65 24.72 -12.41
CA LYS L 63 14.65 25.67 -11.93
C LYS L 63 14.36 25.46 -10.45
N HIS L 64 14.44 24.22 -9.97
CA HIS L 64 14.17 23.97 -8.55
C HIS L 64 15.16 24.68 -7.63
N ALA L 65 16.32 25.06 -8.18
CA ALA L 65 17.35 25.74 -7.41
C ALA L 65 17.21 27.27 -7.49
N ILE L 66 16.23 27.74 -8.25
CA ILE L 66 16.03 29.19 -8.44
C ILE L 66 14.91 29.68 -7.54
N ASP L 67 15.10 30.84 -6.91
CA ASP L 67 14.03 31.44 -6.10
C ASP L 67 13.27 32.47 -6.94
N THR L 68 13.99 33.47 -7.44
CA THR L 68 13.38 34.51 -8.27
C THR L 68 14.29 34.86 -9.44
N ILE L 69 13.71 35.44 -10.49
CA ILE L 69 14.50 35.94 -11.61
C ILE L 69 14.07 37.37 -11.87
N GLU L 70 15.03 38.28 -11.86
CA GLU L 70 14.73 39.70 -12.16
C GLU L 70 15.08 39.98 -13.61
N TYR L 71 14.15 40.56 -14.36
CA TYR L 71 14.34 40.71 -15.79
C TYR L 71 13.88 42.08 -16.26
#